data_8WC6
#
_entry.id   8WC6
#
loop_
_entity.id
_entity.type
_entity.pdbx_description
1 polymer 'Guanine nucleotide-binding protein G(s) subunit alpha isoforms short'
2 polymer 'Guanine nucleotide-binding protein G(I)/G(S)/G(T) subunit beta-1'
3 polymer Nanobody-35
4 polymer 'Trace amine-associated receptor 1'
5 polymer scFv16
6 polymer 'Guanine nucleotide-binding protein G(I)/G(S)/G(O) subunit gamma-2'
7 non-polymer 2-PHENYLETHYLAMINE
#
loop_
_entity_poly.entity_id
_entity_poly.type
_entity_poly.pdbx_seq_one_letter_code
_entity_poly.pdbx_strand_id
1 'polypeptide(L)'
;MMGCTLSAEDKAAVERSKMIEKQLQKDKQVYRATHRLLLLGADNSGKSTIVKQMRIYHVNGYSEEECKQYKAVVYSNTIQ
SIIAIIRAMGRLKIDFGDSARADDARQLFVLAGAAEEGFMTAELAGVIKRLWKDSGVQACFNRSREYQLNDSAAYYLNDL
DRIAQPNYIPTQQDVLRTRVKTSGIFETKFQVDKVNFHMFDVGAQRDERRKWIQCFNDVTAIIFVVDSSDYNRLQEALND
FKSIWNNRWLRTISVILFLNKQDLLAEKVLAGKSKIEDYFPEFARYTTPEDATPEPGEDPRVTRAKYFIRDEFLRISTAS
GDGRHYCYPHFTCSVDTENARRIFNDCRDIIQRMHLRQYELL
;
A
2 'polypeptide(L)'
;MGSLLQSELDQLRQEAEQLKNQIRDARKACADATLSQITNNIDPVGRIQMRTRRTLRGHLAKIYAMHWGTDSRLLVSASQ
DGKLIIWDSYTTNKVHAIPLRSSWVMTCAYAPSGNYVACGGLDNICSIYNLKTREGNVRVSRELAGHTGYLSCCRFLDDN
QIVTSSGDTTCALWDIETGQQTTTFTGHTGDVMSLSLAPDTRLFVSGACDASAKLWDVREGMCRQTFTGHESDINAICFF
PNGNAFATGSDDATCRLFDLRADQELMTYSHDNIICGITSVSFSKSGRLLLAGYDDFNCNVWDALKADRAGVLAGHDNRV
SCLGVTDDGMAVATGSWDSFLKIWN
;
B
3 'polypeptide(L)'
;QVQLQESGGGLVQPGGSLRLSCAASGFTFSNYKMNWVRQAPGKGLEWVSDISQSGASISYTGSVKGRFTISRDNAKNTLY
LQMNSLKPEDTAVYYCARCPAPFTRDCFDVTSTTYAYRGQGTQVTVSS
;
N
4 'polypeptide(L)'
;MHLCHAITNISHRNSDWSREVQASLYSLMSLIILATLVGNLIVIISISHFKQLHTPTNWLLHSMAIVDFLLGCLIMPCSM
VRTVERCWYFGEILCKVHTSTDIMLSSASIFHLAFISIDRYCAVCDPLRYKAKINISTILVMILVSWSLPAVYAFGMIFL
ELNLKGVEELYRSQVSDLGGCSPFFSKVSGVLAFMTSFYIPGSVMLFVYYRIYFIAKGQARSINRTNVQVGLEGKSQAPQ
SKETKAAKTLGIMVGVFLVCWCPFFLCTVLDPFLGYVIPPSLNDALYWFGYLNSALNPMVYAFFYPWFRRALKMVLLGKI
FQKDSSRSKLFL
;
R
5 'polypeptide(L)'
;MLLVNQSHQGFNKEHTSKMVSAIVLYVLLAAAAHSAFAVQLVESGGGLVQPGGSRKLSCSASGFAFSSFGMHWVRQAPEK
GLEWVAYISSGSGTIYYADTVKGRFTISRDDPKNTLFLQMTSLRSEDTAMYYCVRSIYYYGSSPFDFWGQGTTLTVSAGG
GGSGGGGSGGGGSADIVMTQATSSVPVTPGESVSISCRSSKSLLHSNGNTYLYWFLQRPGQSPQLLIYRMSNLASGVPDR
FSGSGSGTAFTLTISRLEAEDVGVYYCMQHLEYPLTFGAGTKLEL
;
S
6 'polypeptide(L)' MASNNTASIAQARKLVEQLKMEANIDRIKVSKAAADLMAYCEAHAKEDPLLTPVPASENPFREKKFFCAIL Y
#
loop_
_chem_comp.id
_chem_comp.type
_chem_comp.name
_chem_comp.formula
PEA non-polymer 2-PHENYLETHYLAMINE 'C8 H12 N 1'
#
# COMPACT_ATOMS: atom_id res chain seq x y z
N THR A 5 27.15 -1.05 -7.68
CA THR A 5 27.46 -1.95 -6.59
C THR A 5 28.91 -2.40 -6.77
N LEU A 6 29.81 -1.41 -6.86
CA LEU A 6 31.20 -1.69 -7.16
C LEU A 6 32.07 -1.84 -5.93
N SER A 7 31.53 -1.69 -4.73
CA SER A 7 32.29 -1.81 -3.50
C SER A 7 31.77 -2.98 -2.68
N ALA A 8 32.60 -3.44 -1.74
CA ALA A 8 32.22 -4.57 -0.90
C ALA A 8 31.03 -4.24 0.00
N GLU A 9 31.05 -3.05 0.59
CA GLU A 9 29.97 -2.66 1.49
C GLU A 9 28.65 -2.53 0.73
N ASP A 10 28.71 -2.05 -0.51
CA ASP A 10 27.51 -2.01 -1.34
C ASP A 10 26.96 -3.40 -1.60
N LYS A 11 27.84 -4.37 -1.86
CA LYS A 11 27.41 -5.74 -2.07
C LYS A 11 26.75 -6.31 -0.81
N ALA A 12 27.30 -6.01 0.36
CA ALA A 12 26.69 -6.48 1.60
C ALA A 12 25.32 -5.85 1.82
N ALA A 13 25.19 -4.56 1.48
CA ALA A 13 23.89 -3.90 1.58
C ALA A 13 22.87 -4.55 0.65
N VAL A 14 23.27 -4.88 -0.58
CA VAL A 14 22.35 -5.54 -1.51
C VAL A 14 21.94 -6.90 -0.99
N GLU A 15 22.88 -7.64 -0.39
CA GLU A 15 22.54 -8.93 0.19
C GLU A 15 21.52 -8.79 1.33
N ARG A 16 21.71 -7.77 2.18
CA ARG A 16 20.74 -7.51 3.24
C ARG A 16 19.35 -7.21 2.66
N SER A 17 19.30 -6.40 1.61
CA SER A 17 18.03 -6.11 0.97
C SER A 17 17.37 -7.38 0.42
N LYS A 18 18.17 -8.29 -0.13
CA LYS A 18 17.62 -9.53 -0.64
C LYS A 18 17.02 -10.39 0.48
N MET A 19 17.70 -10.44 1.63
CA MET A 19 17.12 -11.17 2.77
C MET A 19 15.79 -10.55 3.20
N ILE A 20 15.73 -9.22 3.23
CA ILE A 20 14.48 -8.56 3.58
C ILE A 20 13.37 -8.93 2.59
N GLU A 21 13.71 -8.99 1.30
CA GLU A 21 12.70 -9.35 0.31
C GLU A 21 12.23 -10.79 0.48
N LYS A 22 13.12 -11.70 0.87
CA LYS A 22 12.69 -13.07 1.13
C LYS A 22 11.69 -13.13 2.29
N GLN A 23 11.98 -12.41 3.37
CA GLN A 23 11.02 -12.37 4.49
C GLN A 23 9.68 -11.79 4.04
N LEU A 24 9.73 -10.74 3.22
CA LEU A 24 8.50 -10.14 2.72
C LEU A 24 7.71 -11.13 1.86
N GLN A 25 8.39 -12.02 1.16
CA GLN A 25 7.69 -13.02 0.33
C GLN A 25 6.95 -13.94 1.27
N LYS A 26 7.65 -14.43 2.26
CA LYS A 26 6.98 -15.32 3.21
C LYS A 26 5.73 -14.67 3.80
N ASP A 27 5.84 -13.40 4.19
CA ASP A 27 4.69 -12.70 4.74
C ASP A 27 3.57 -12.55 3.72
N LYS A 28 3.92 -12.31 2.45
CA LYS A 28 2.92 -12.21 1.40
C LYS A 28 2.17 -13.52 1.23
N GLN A 29 2.89 -14.64 1.24
CA GLN A 29 2.22 -15.93 1.12
C GLN A 29 1.28 -16.19 2.29
N VAL A 30 1.68 -15.80 3.50
CA VAL A 30 0.74 -15.95 4.63
C VAL A 30 -0.46 -15.02 4.48
N TYR A 31 -0.23 -13.83 3.94
CA TYR A 31 -1.30 -12.81 3.86
C TYR A 31 -2.36 -13.19 2.85
N ARG A 32 -1.96 -13.71 1.68
CA ARG A 32 -2.93 -13.92 0.61
C ARG A 32 -3.94 -15.02 0.91
N ALA A 33 -3.70 -15.84 1.94
CA ALA A 33 -4.57 -16.97 2.25
C ALA A 33 -5.47 -16.70 3.45
N THR A 34 -5.91 -15.45 3.63
CA THR A 34 -6.72 -15.09 4.79
C THR A 34 -7.81 -14.12 4.34
N HIS A 35 -8.94 -14.17 5.04
CA HIS A 35 -10.11 -13.36 4.72
C HIS A 35 -10.46 -12.46 5.89
N ARG A 36 -10.61 -11.17 5.61
CA ARG A 36 -10.94 -10.16 6.63
C ARG A 36 -12.41 -9.81 6.57
N LEU A 37 -13.01 -9.62 7.74
CA LEU A 37 -14.42 -9.26 7.87
C LEU A 37 -14.56 -8.06 8.80
N LEU A 38 -15.53 -7.21 8.52
CA LEU A 38 -15.85 -6.07 9.35
C LEU A 38 -17.21 -6.29 10.01
N LEU A 39 -17.29 -6.11 11.32
CA LEU A 39 -18.51 -6.31 12.08
C LEU A 39 -19.09 -4.96 12.50
N LEU A 40 -20.37 -4.76 12.26
CA LEU A 40 -21.05 -3.53 12.60
C LEU A 40 -22.31 -3.85 13.40
N GLY A 41 -22.77 -2.87 14.17
CA GLY A 41 -23.95 -3.07 14.99
C GLY A 41 -24.20 -1.85 15.85
N ALA A 42 -25.15 -2.00 16.77
CA ALA A 42 -25.52 -0.94 17.71
C ALA A 42 -25.41 -1.46 19.13
N ASP A 43 -25.82 -0.63 20.09
CA ASP A 43 -25.71 -1.00 21.50
C ASP A 43 -26.76 -2.03 21.89
N ASN A 44 -27.96 -1.94 21.32
CA ASN A 44 -29.02 -2.87 21.68
C ASN A 44 -28.81 -4.24 21.05
N SER A 45 -28.24 -4.29 19.84
CA SER A 45 -28.02 -5.56 19.16
C SER A 45 -27.00 -6.41 19.91
N GLY A 46 -27.15 -7.73 19.80
CA GLY A 46 -26.30 -8.64 20.52
C GLY A 46 -24.99 -8.96 19.83
N LYS A 47 -24.41 -7.96 19.15
CA LYS A 47 -23.14 -8.17 18.48
C LYS A 47 -22.00 -8.43 19.44
N SER A 48 -22.14 -8.01 20.70
CA SER A 48 -21.15 -8.31 21.72
C SER A 48 -21.22 -9.75 22.21
N THR A 49 -22.37 -10.40 22.06
CA THR A 49 -22.53 -11.80 22.43
C THR A 49 -22.30 -12.76 21.27
N ILE A 50 -22.55 -12.31 20.03
CA ILE A 50 -22.20 -13.13 18.87
C ILE A 50 -20.70 -13.39 18.85
N VAL A 51 -19.90 -12.38 19.16
CA VAL A 51 -18.45 -12.54 19.20
C VAL A 51 -18.07 -13.58 20.25
N LYS A 52 -18.65 -13.48 21.45
CA LYS A 52 -18.29 -14.39 22.52
C LYS A 52 -18.72 -15.82 22.20
N GLN A 53 -19.88 -15.99 21.55
CA GLN A 53 -20.28 -17.32 21.10
C GLN A 53 -19.31 -17.87 20.07
N MET A 54 -18.84 -17.03 19.15
CA MET A 54 -17.79 -17.46 18.23
C MET A 54 -16.48 -17.71 18.96
N ARG A 55 -16.20 -16.92 19.99
CA ARG A 55 -15.01 -17.14 20.82
C ARG A 55 -15.25 -18.29 21.80
N LYS A 181 -7.49 1.52 29.64
CA LYS A 181 -7.32 0.81 28.39
C LYS A 181 -8.47 1.10 27.44
N THR A 182 -8.39 2.24 26.75
CA THR A 182 -9.41 2.64 25.78
C THR A 182 -8.92 2.27 24.38
N SER A 183 -8.98 0.98 24.08
CA SER A 183 -8.59 0.50 22.77
C SER A 183 -9.57 0.98 21.71
N GLY A 184 -9.06 1.16 20.50
CA GLY A 184 -9.85 1.73 19.43
C GLY A 184 -10.41 0.70 18.46
N ILE A 185 -9.96 -0.54 18.58
CA ILE A 185 -10.42 -1.61 17.70
C ILE A 185 -10.13 -2.94 18.37
N PHE A 186 -11.00 -3.93 18.13
CA PHE A 186 -10.82 -5.27 18.64
C PHE A 186 -10.67 -6.25 17.49
N GLU A 187 -10.20 -7.45 17.82
CA GLU A 187 -9.96 -8.48 16.82
C GLU A 187 -10.35 -9.85 17.38
N THR A 188 -10.83 -10.72 16.51
CA THR A 188 -11.21 -12.08 16.89
C THR A 188 -10.86 -13.00 15.73
N LYS A 189 -10.27 -14.15 16.04
CA LYS A 189 -9.84 -15.12 15.04
C LYS A 189 -10.54 -16.45 15.28
N PHE A 190 -11.14 -17.00 14.22
CA PHE A 190 -11.76 -18.31 14.27
C PHE A 190 -11.49 -19.03 12.95
N GLN A 191 -11.55 -20.36 13.00
CA GLN A 191 -11.21 -21.19 11.86
C GLN A 191 -12.31 -22.22 11.63
N VAL A 192 -12.65 -22.45 10.36
CA VAL A 192 -13.63 -23.45 9.98
C VAL A 192 -13.19 -24.11 8.67
N ASP A 193 -13.10 -25.44 8.68
CA ASP A 193 -12.65 -26.23 7.53
C ASP A 193 -11.28 -25.76 7.04
N LYS A 194 -10.38 -25.52 7.99
CA LYS A 194 -8.99 -25.15 7.69
C LYS A 194 -8.90 -23.89 6.84
N VAL A 195 -9.78 -22.93 7.11
CA VAL A 195 -9.71 -21.59 6.52
C VAL A 195 -9.79 -20.59 7.66
N ASN A 196 -8.94 -19.56 7.60
CA ASN A 196 -8.81 -18.58 8.68
C ASN A 196 -9.60 -17.32 8.33
N PHE A 197 -10.37 -16.83 9.31
CA PHE A 197 -11.14 -15.60 9.17
C PHE A 197 -10.73 -14.62 10.25
N HIS A 198 -10.62 -13.35 9.88
CA HIS A 198 -10.27 -12.27 10.80
C HIS A 198 -11.44 -11.28 10.86
N MET A 199 -12.04 -11.14 12.04
CA MET A 199 -13.21 -10.29 12.21
C MET A 199 -12.88 -9.15 13.16
N PHE A 200 -13.07 -7.92 12.70
CA PHE A 200 -12.64 -6.72 13.40
C PHE A 200 -13.86 -5.96 13.92
N ASP A 201 -13.89 -5.72 15.23
CA ASP A 201 -14.96 -4.96 15.87
C ASP A 201 -14.41 -3.63 16.35
N VAL A 202 -15.09 -2.55 16.00
CA VAL A 202 -14.64 -1.21 16.36
C VAL A 202 -14.96 -0.95 17.83
N GLY A 203 -14.00 -0.39 18.57
CA GLY A 203 -14.16 -0.16 19.98
C GLY A 203 -14.55 1.27 20.34
N ALA A 204 -13.64 1.97 21.01
CA ALA A 204 -13.93 3.31 21.53
C ALA A 204 -13.64 4.35 20.46
N GLN A 205 -14.69 4.80 19.78
CA GLN A 205 -14.59 5.86 18.79
C GLN A 205 -15.70 6.87 19.02
N ARG A 206 -15.76 7.90 18.18
CA ARG A 206 -16.81 8.89 18.25
C ARG A 206 -18.01 8.41 17.45
N ASP A 207 -19.07 9.21 17.41
CA ASP A 207 -20.30 8.85 16.71
C ASP A 207 -20.23 9.11 15.21
N GLU A 208 -19.18 9.75 14.73
CA GLU A 208 -19.01 10.01 13.31
C GLU A 208 -18.26 8.85 12.66
N ARG A 209 -18.74 8.40 11.51
CA ARG A 209 -18.24 7.20 10.86
C ARG A 209 -17.70 7.43 9.45
N ARG A 210 -18.06 8.53 8.81
CA ARG A 210 -17.76 8.72 7.40
C ARG A 210 -16.28 8.91 7.11
N LYS A 211 -15.41 8.86 8.11
CA LYS A 211 -13.99 9.10 7.89
C LYS A 211 -13.14 7.85 8.02
N TRP A 212 -13.35 7.03 9.05
CA TRP A 212 -12.59 5.80 9.20
C TRP A 212 -13.24 4.61 8.51
N ILE A 213 -14.35 4.82 7.81
CA ILE A 213 -14.98 3.75 7.04
C ILE A 213 -14.29 3.51 5.71
N GLN A 214 -13.39 4.41 5.30
CA GLN A 214 -12.69 4.26 4.03
C GLN A 214 -11.54 3.28 4.10
N CYS A 215 -11.15 2.84 5.29
CA CYS A 215 -10.07 1.87 5.45
C CYS A 215 -10.52 0.43 5.26
N PHE A 216 -11.79 0.19 5.01
CA PHE A 216 -12.35 -1.15 4.92
C PHE A 216 -12.96 -1.42 3.56
N ASN A 217 -12.45 -0.78 2.51
CA ASN A 217 -12.98 -0.95 1.18
C ASN A 217 -12.44 -2.19 0.47
N ASP A 218 -11.82 -3.11 1.20
CA ASP A 218 -11.21 -4.30 0.60
C ASP A 218 -11.55 -5.58 1.35
N VAL A 219 -12.44 -5.52 2.35
CA VAL A 219 -12.77 -6.70 3.14
C VAL A 219 -13.59 -7.66 2.29
N THR A 220 -13.71 -8.91 2.75
CA THR A 220 -14.50 -9.89 2.03
C THR A 220 -15.99 -9.55 2.09
N ALA A 221 -16.48 -9.25 3.29
CA ALA A 221 -17.89 -8.92 3.47
C ALA A 221 -18.03 -8.11 4.75
N ILE A 222 -19.24 -7.60 4.97
CA ILE A 222 -19.61 -6.87 6.17
C ILE A 222 -20.71 -7.64 6.87
N ILE A 223 -20.56 -7.88 8.17
CA ILE A 223 -21.59 -8.51 8.99
C ILE A 223 -22.35 -7.39 9.71
N PHE A 224 -23.65 -7.31 9.47
CA PHE A 224 -24.51 -6.29 10.04
C PHE A 224 -25.52 -6.96 10.95
N VAL A 225 -25.62 -6.49 12.20
CA VAL A 225 -26.49 -7.07 13.20
C VAL A 225 -27.60 -6.08 13.52
N VAL A 226 -28.84 -6.55 13.52
CA VAL A 226 -30.02 -5.73 13.77
C VAL A 226 -30.82 -6.35 14.91
N ASP A 227 -31.33 -5.51 15.81
CA ASP A 227 -32.20 -5.95 16.89
C ASP A 227 -33.64 -5.66 16.48
N SER A 228 -34.28 -6.64 15.86
CA SER A 228 -35.66 -6.48 15.37
C SER A 228 -36.67 -6.94 16.42
N SER A 229 -36.52 -6.45 17.64
CA SER A 229 -37.43 -6.77 18.74
C SER A 229 -37.67 -5.54 19.61
N ASP A 230 -37.66 -4.36 19.01
CA ASP A 230 -37.77 -3.12 19.78
C ASP A 230 -38.87 -2.23 19.22
N TYR A 231 -39.12 -2.33 17.91
CA TYR A 231 -40.22 -1.66 17.23
C TYR A 231 -40.04 -0.15 17.16
N ASN A 232 -39.00 0.38 17.79
CA ASN A 232 -38.82 1.82 17.91
C ASN A 232 -37.56 2.31 17.22
N ARG A 233 -36.41 1.69 17.52
CA ARG A 233 -35.16 2.05 16.87
C ARG A 233 -34.96 1.30 15.56
N LEU A 234 -35.99 0.62 15.05
CA LEU A 234 -35.85 -0.11 13.80
C LEU A 234 -35.61 0.85 12.63
N GLN A 235 -36.26 2.00 12.63
CA GLN A 235 -36.04 2.96 11.56
C GLN A 235 -34.60 3.48 11.58
N GLU A 236 -34.01 3.50 12.74
CA GLU A 236 -32.65 3.93 12.80
C GLU A 236 -31.84 2.90 12.09
N ALA A 237 -31.99 1.65 12.49
CA ALA A 237 -31.23 0.58 11.87
C ALA A 237 -31.39 0.59 10.35
N LEU A 238 -32.61 0.85 9.88
CA LEU A 238 -32.85 0.94 8.45
C LEU A 238 -32.04 2.08 7.83
N ASN A 239 -32.00 3.23 8.50
CA ASN A 239 -31.24 4.36 7.99
C ASN A 239 -29.74 4.06 7.97
N ASP A 240 -29.28 3.37 9.00
CA ASP A 240 -27.87 2.99 9.10
C ASP A 240 -27.51 2.09 7.92
N PHE A 241 -28.33 1.07 7.70
CA PHE A 241 -28.10 0.12 6.61
C PHE A 241 -28.13 0.84 5.26
N LYS A 242 -29.07 1.75 5.07
CA LYS A 242 -29.17 2.47 3.81
C LYS A 242 -27.94 3.34 3.57
N SER A 243 -27.43 4.00 4.62
CA SER A 243 -26.23 4.82 4.46
C SER A 243 -25.02 3.97 4.15
N ILE A 244 -24.90 2.80 4.79
CA ILE A 244 -23.77 1.91 4.50
C ILE A 244 -23.84 1.38 3.07
N TRP A 245 -25.03 0.99 2.62
CA TRP A 245 -25.16 0.35 1.32
C TRP A 245 -24.75 1.27 0.18
N ASN A 246 -25.12 2.55 0.25
CA ASN A 246 -24.92 3.49 -0.85
C ASN A 246 -23.63 4.28 -0.73
N ASN A 247 -22.66 3.82 0.04
CA ASN A 247 -21.40 4.53 0.23
C ASN A 247 -20.54 4.37 -1.02
N ARG A 248 -19.90 5.48 -1.42
CA ARG A 248 -19.09 5.48 -2.63
C ARG A 248 -17.89 4.54 -2.50
N TRP A 249 -17.23 4.55 -1.35
CA TRP A 249 -16.05 3.72 -1.17
C TRP A 249 -16.39 2.29 -0.74
N LEU A 250 -17.63 2.02 -0.35
CA LEU A 250 -18.03 0.71 0.12
C LEU A 250 -18.78 -0.10 -0.95
N ARG A 251 -18.74 0.35 -2.20
CA ARG A 251 -19.31 -0.46 -3.26
C ARG A 251 -18.50 -1.73 -3.43
N THR A 252 -19.09 -2.69 -4.16
CA THR A 252 -18.51 -4.00 -4.41
C THR A 252 -18.27 -4.80 -3.12
N ILE A 253 -18.81 -4.37 -1.99
CA ILE A 253 -18.72 -5.11 -0.74
C ILE A 253 -20.11 -5.63 -0.41
N SER A 254 -20.25 -6.95 -0.34
CA SER A 254 -21.53 -7.57 -0.02
C SER A 254 -21.71 -7.64 1.48
N VAL A 255 -22.95 -7.41 1.92
CA VAL A 255 -23.27 -7.32 3.34
C VAL A 255 -24.08 -8.55 3.74
N ILE A 256 -23.69 -9.16 4.86
CA ILE A 256 -24.38 -10.29 5.44
C ILE A 256 -25.22 -9.77 6.60
N LEU A 257 -26.54 -9.91 6.48
CA LEU A 257 -27.48 -9.33 7.44
C LEU A 257 -27.86 -10.36 8.48
N PHE A 258 -27.75 -9.99 9.74
CA PHE A 258 -28.13 -10.82 10.87
C PHE A 258 -29.30 -10.17 11.57
N LEU A 259 -30.39 -10.91 11.73
CA LEU A 259 -31.58 -10.44 12.44
C LEU A 259 -31.62 -11.18 13.76
N ASN A 260 -31.18 -10.51 14.82
CA ASN A 260 -30.89 -11.16 16.10
C ASN A 260 -32.07 -11.03 17.06
N LYS A 261 -31.99 -11.81 18.14
CA LYS A 261 -32.98 -11.79 19.22
C LYS A 261 -34.37 -12.14 18.70
N GLN A 262 -34.48 -13.32 18.09
CA GLN A 262 -35.77 -13.77 17.58
C GLN A 262 -36.67 -14.30 18.68
N ASP A 263 -36.10 -14.84 19.75
CA ASP A 263 -36.91 -15.34 20.86
C ASP A 263 -37.69 -14.20 21.52
N LEU A 264 -37.07 -13.04 21.66
CA LEU A 264 -37.76 -11.88 22.22
C LEU A 264 -38.94 -11.47 21.34
N LEU A 265 -38.73 -11.43 20.03
CA LEU A 265 -39.82 -11.08 19.12
C LEU A 265 -40.95 -12.10 19.19
N ALA A 266 -40.60 -13.38 19.21
CA ALA A 266 -41.62 -14.43 19.31
C ALA A 266 -42.42 -14.30 20.60
N GLU A 267 -41.75 -14.02 21.72
CA GLU A 267 -42.45 -13.82 22.98
C GLU A 267 -43.27 -12.54 22.99
N LYS A 268 -42.87 -11.53 22.21
CA LYS A 268 -43.53 -10.23 22.22
C LYS A 268 -44.63 -10.09 21.19
N VAL A 269 -44.83 -11.10 20.36
CA VAL A 269 -45.87 -11.04 19.33
C VAL A 269 -47.17 -11.77 19.72
N LEU A 270 -47.03 -12.87 20.44
CA LEU A 270 -48.20 -13.65 20.85
C LEU A 270 -48.96 -13.05 22.02
N ALA A 271 -48.26 -12.30 22.86
CA ALA A 271 -48.88 -11.69 24.03
C ALA A 271 -49.78 -10.52 23.61
N GLY A 272 -49.35 -9.73 22.63
CA GLY A 272 -50.13 -8.62 22.15
C GLY A 272 -50.23 -7.48 23.14
N SER A 274 -48.56 -3.13 22.31
CA SER A 274 -47.35 -3.08 21.48
C SER A 274 -47.59 -3.74 20.13
N LYS A 275 -47.91 -2.93 19.13
CA LYS A 275 -48.19 -3.40 17.79
C LYS A 275 -47.21 -2.77 16.80
N ILE A 276 -47.28 -3.22 15.55
CA ILE A 276 -46.42 -2.71 14.49
C ILE A 276 -47.16 -1.75 13.56
N GLU A 277 -48.49 -1.70 13.63
CA GLU A 277 -49.26 -0.85 12.72
C GLU A 277 -48.94 0.62 12.92
N ASP A 278 -48.81 1.07 14.18
CA ASP A 278 -48.59 2.48 14.46
C ASP A 278 -47.24 2.97 13.93
N TYR A 279 -46.19 2.16 14.08
CA TYR A 279 -44.87 2.56 13.59
C TYR A 279 -44.76 2.46 12.07
N PHE A 280 -45.27 1.37 11.48
CA PHE A 280 -45.23 1.16 10.04
C PHE A 280 -46.66 1.06 9.51
N PRO A 281 -47.17 2.09 8.84
CA PRO A 281 -48.58 2.06 8.41
C PRO A 281 -48.89 1.00 7.37
N GLU A 282 -47.89 0.48 6.66
CA GLU A 282 -48.12 -0.47 5.57
C GLU A 282 -48.20 -1.91 6.03
N PHE A 283 -48.12 -2.17 7.33
CA PHE A 283 -48.22 -3.55 7.82
C PHE A 283 -49.62 -4.11 7.61
N ALA A 284 -50.62 -3.25 7.54
CA ALA A 284 -52.00 -3.69 7.36
C ALA A 284 -52.26 -4.32 6.01
N ARG A 285 -51.46 -3.99 4.99
CA ARG A 285 -51.65 -4.49 3.63
C ARG A 285 -50.53 -5.43 3.22
N TYR A 286 -49.97 -6.18 4.18
CA TYR A 286 -48.89 -7.11 3.92
C TYR A 286 -49.32 -8.52 4.32
N THR A 287 -49.05 -9.48 3.45
CA THR A 287 -49.33 -10.89 3.72
C THR A 287 -48.07 -11.70 3.43
N THR A 288 -47.97 -12.85 4.11
CA THR A 288 -46.78 -13.69 3.98
C THR A 288 -46.63 -14.17 2.53
N PRO A 289 -45.45 -14.02 1.94
CA PRO A 289 -45.25 -14.50 0.57
C PRO A 289 -45.28 -16.02 0.49
N GLU A 290 -45.58 -16.52 -0.71
CA GLU A 290 -45.76 -17.96 -0.88
C GLU A 290 -44.45 -18.72 -0.75
N ASP A 291 -43.32 -18.07 -1.02
CA ASP A 291 -42.02 -18.74 -0.96
C ASP A 291 -41.46 -18.81 0.45
N ALA A 292 -42.16 -18.27 1.44
CA ALA A 292 -41.69 -18.34 2.82
C ALA A 292 -41.66 -19.79 3.30
N THR A 293 -40.68 -20.09 4.15
CA THR A 293 -40.48 -21.43 4.68
C THR A 293 -40.51 -21.36 6.21
N PRO A 294 -41.68 -21.49 6.82
CA PRO A 294 -41.80 -21.40 8.30
C PRO A 294 -41.27 -22.66 9.00
N ASP A 299 -46.69 -20.12 15.18
CA ASP A 299 -47.80 -19.29 14.72
C ASP A 299 -47.47 -18.61 13.41
N PRO A 300 -48.50 -18.21 12.65
CA PRO A 300 -48.34 -17.53 11.36
C PRO A 300 -48.07 -16.04 11.50
N ARG A 301 -48.54 -15.43 12.59
CA ARG A 301 -48.27 -14.01 12.81
C ARG A 301 -46.77 -13.76 13.03
N VAL A 302 -46.11 -14.68 13.73
CA VAL A 302 -44.66 -14.57 13.93
C VAL A 302 -43.95 -14.54 12.57
N THR A 303 -44.32 -15.47 11.70
CA THR A 303 -43.69 -15.54 10.38
C THR A 303 -44.01 -14.31 9.55
N ARG A 304 -45.24 -13.81 9.64
CA ARG A 304 -45.59 -12.62 8.87
C ARG A 304 -44.78 -11.41 9.33
N ALA A 305 -44.61 -11.23 10.64
CA ALA A 305 -43.81 -10.12 11.13
C ALA A 305 -42.34 -10.27 10.73
N LYS A 306 -41.79 -11.47 10.89
CA LYS A 306 -40.40 -11.70 10.51
C LYS A 306 -40.18 -11.38 9.03
N TYR A 307 -41.07 -11.86 8.17
CA TYR A 307 -40.87 -11.66 6.74
C TYR A 307 -41.16 -10.22 6.34
N PHE A 308 -42.02 -9.52 7.09
CA PHE A 308 -42.20 -8.10 6.84
C PHE A 308 -40.92 -7.33 7.11
N ILE A 309 -40.26 -7.62 8.24
CA ILE A 309 -39.00 -6.96 8.56
C ILE A 309 -37.94 -7.29 7.51
N ARG A 310 -37.84 -8.57 7.18
CA ARG A 310 -36.88 -9.05 6.20
C ARG A 310 -37.09 -8.42 4.82
N ASP A 311 -38.35 -8.25 4.43
CA ASP A 311 -38.67 -7.67 3.13
C ASP A 311 -38.43 -6.17 3.14
N GLU A 312 -38.62 -5.51 4.29
CA GLU A 312 -38.23 -4.10 4.38
C GLU A 312 -36.73 -3.92 4.13
N PHE A 313 -35.92 -4.74 4.81
CA PHE A 313 -34.48 -4.67 4.58
C PHE A 313 -34.12 -4.99 3.13
N LEU A 314 -34.78 -6.00 2.56
CA LEU A 314 -34.46 -6.42 1.20
C LEU A 314 -34.90 -5.38 0.17
N ARG A 315 -35.98 -4.67 0.50
CA ARG A 315 -36.50 -3.62 -0.35
C ARG A 315 -35.43 -2.55 -0.39
N ILE A 316 -34.90 -2.21 0.78
CA ILE A 316 -33.82 -1.22 0.84
C ILE A 316 -32.64 -1.68 0.00
N SER A 317 -32.26 -2.96 0.13
CA SER A 317 -31.02 -3.44 -0.48
C SER A 317 -31.13 -3.53 -2.00
N THR A 318 -32.28 -3.95 -2.51
CA THR A 318 -32.39 -4.26 -3.93
C THR A 318 -32.66 -3.02 -4.78
N ALA A 319 -32.86 -1.87 -4.14
CA ALA A 319 -33.23 -0.66 -4.86
C ALA A 319 -32.13 -0.18 -5.79
N SER A 320 -30.89 -0.61 -5.54
CA SER A 320 -29.75 -0.21 -6.35
C SER A 320 -28.64 -1.23 -6.14
N GLY A 321 -27.49 -0.96 -6.75
CA GLY A 321 -26.32 -1.82 -6.66
C GLY A 321 -25.85 -2.38 -7.98
N ASP A 322 -26.71 -2.35 -9.01
CA ASP A 322 -26.38 -2.75 -10.39
C ASP A 322 -25.55 -4.04 -10.44
N GLY A 323 -25.90 -4.99 -9.58
CA GLY A 323 -25.32 -6.32 -9.62
C GLY A 323 -23.82 -6.41 -9.39
N ARG A 324 -23.32 -5.71 -8.37
CA ARG A 324 -21.93 -5.84 -7.97
C ARG A 324 -21.75 -6.28 -6.52
N HIS A 325 -22.78 -6.17 -5.69
CA HIS A 325 -22.74 -6.72 -4.34
C HIS A 325 -24.17 -7.06 -3.91
N TYR A 326 -24.27 -8.05 -3.02
CA TYR A 326 -25.54 -8.67 -2.70
C TYR A 326 -25.74 -8.71 -1.19
N CYS A 327 -26.95 -9.09 -0.78
CA CYS A 327 -27.32 -9.18 0.62
C CYS A 327 -27.79 -10.60 0.94
N TYR A 328 -27.37 -11.11 2.09
CA TYR A 328 -27.70 -12.47 2.53
C TYR A 328 -28.34 -12.41 3.91
N PRO A 329 -29.66 -12.22 3.97
CA PRO A 329 -30.32 -12.11 5.27
C PRO A 329 -30.37 -13.45 5.99
N HIS A 330 -30.58 -13.37 7.31
CA HIS A 330 -30.61 -14.54 8.17
C HIS A 330 -31.56 -14.28 9.32
N PHE A 331 -31.99 -15.35 9.98
CA PHE A 331 -32.82 -15.28 11.17
C PHE A 331 -32.03 -15.92 12.31
N THR A 332 -31.30 -15.09 13.05
CA THR A 332 -30.38 -15.55 14.07
C THR A 332 -31.02 -15.41 15.46
N CYS A 333 -30.72 -16.36 16.34
CA CYS A 333 -31.20 -16.34 17.71
C CYS A 333 -30.05 -16.08 18.67
N SER A 334 -30.38 -16.09 19.96
CA SER A 334 -29.37 -15.83 20.98
C SER A 334 -28.40 -17.01 21.12
N ASP A 336 -26.86 -20.04 19.33
CA ASP A 336 -26.60 -20.73 18.07
C ASP A 336 -25.19 -21.30 18.10
N THR A 337 -24.98 -22.31 17.27
CA THR A 337 -23.67 -22.96 17.11
C THR A 337 -23.41 -23.18 15.61
N GLU A 338 -23.98 -22.29 14.80
CA GLU A 338 -23.89 -22.46 13.35
C GLU A 338 -23.64 -21.14 12.62
N ASN A 339 -23.41 -20.05 13.35
CA ASN A 339 -23.18 -18.76 12.69
C ASN A 339 -21.88 -18.78 11.87
N ALA A 340 -20.86 -19.48 12.37
CA ALA A 340 -19.60 -19.57 11.64
C ALA A 340 -19.79 -20.28 10.31
N ARG A 341 -20.59 -21.35 10.29
CA ARG A 341 -20.84 -22.08 9.05
C ARG A 341 -21.61 -21.21 8.06
N ARG A 342 -22.58 -20.43 8.55
CA ARG A 342 -23.30 -19.52 7.67
C ARG A 342 -22.38 -18.48 7.07
N ILE A 343 -21.48 -17.92 7.87
CA ILE A 343 -20.51 -16.96 7.36
C ILE A 343 -19.61 -17.60 6.31
N PHE A 344 -19.15 -18.82 6.58
CA PHE A 344 -18.34 -19.56 5.61
C PHE A 344 -19.07 -19.71 4.28
N ASN A 345 -20.32 -20.17 4.32
CA ASN A 345 -21.07 -20.41 3.08
C ASN A 345 -21.33 -19.11 2.33
N ASP A 346 -21.69 -18.05 3.05
CA ASP A 346 -21.96 -16.77 2.39
C ASP A 346 -20.70 -16.20 1.75
N CYS A 347 -19.56 -16.28 2.45
CA CYS A 347 -18.31 -15.82 1.86
C CYS A 347 -17.94 -16.65 0.63
N ARG A 348 -18.20 -17.95 0.71
CA ARG A 348 -17.91 -18.85 -0.40
C ARG A 348 -18.70 -18.42 -1.64
N ASP A 349 -20.00 -18.17 -1.46
CA ASP A 349 -20.84 -17.74 -2.56
C ASP A 349 -20.40 -16.38 -3.11
N ILE A 350 -20.03 -15.45 -2.22
CA ILE A 350 -19.60 -14.13 -2.67
C ILE A 350 -18.35 -14.23 -3.53
N ILE A 351 -17.35 -14.99 -3.08
CA ILE A 351 -16.12 -15.13 -3.84
C ILE A 351 -16.38 -15.82 -5.16
N GLN A 352 -17.23 -16.85 -5.15
CA GLN A 352 -17.54 -17.56 -6.40
C GLN A 352 -18.23 -16.64 -7.40
N ARG A 353 -19.18 -15.83 -6.95
CA ARG A 353 -19.84 -14.90 -7.86
C ARG A 353 -18.85 -13.87 -8.40
N MET A 354 -17.94 -13.38 -7.56
CA MET A 354 -16.95 -12.41 -8.02
C MET A 354 -16.05 -13.02 -9.10
N HIS A 355 -15.59 -14.25 -8.87
CA HIS A 355 -14.73 -14.90 -9.86
C HIS A 355 -15.49 -15.17 -11.16
N LEU A 356 -16.75 -15.60 -11.06
CA LEU A 356 -17.54 -15.82 -12.26
C LEU A 356 -17.73 -14.54 -13.05
N ARG A 357 -17.98 -13.42 -12.36
CA ARG A 357 -18.15 -12.15 -13.06
C ARG A 357 -16.85 -11.67 -13.68
N GLN A 358 -15.71 -12.01 -13.07
CA GLN A 358 -14.43 -11.56 -13.59
C GLN A 358 -14.13 -12.16 -14.96
N TYR A 359 -14.53 -13.41 -15.18
CA TYR A 359 -14.23 -14.13 -16.42
C TYR A 359 -15.33 -14.00 -17.48
N GLU A 360 -16.35 -13.17 -17.23
CA GLU A 360 -17.53 -13.08 -18.08
C GLU A 360 -18.21 -14.43 -18.28
N LEU A 361 -18.30 -15.20 -17.19
CA LEU A 361 -19.13 -16.39 -17.15
C LEU A 361 -20.47 -16.15 -16.48
N LEU A 362 -20.84 -14.89 -16.28
CA LEU A 362 -22.10 -14.53 -15.62
C LEU A 362 -22.49 -13.12 -15.99
N LEU B 9 -29.00 32.19 27.27
CA LEU B 9 -28.25 31.66 26.14
C LEU B 9 -28.44 32.53 24.90
N ASP B 10 -29.63 33.11 24.76
CA ASP B 10 -29.93 33.95 23.61
C ASP B 10 -29.03 35.17 23.59
N GLN B 11 -28.80 35.76 24.76
CA GLN B 11 -27.94 36.93 24.88
C GLN B 11 -26.52 36.57 24.46
N LEU B 12 -26.07 35.39 24.90
CA LEU B 12 -24.72 34.94 24.56
C LEU B 12 -24.61 34.75 23.05
N ARG B 13 -25.65 34.20 22.44
CA ARG B 13 -25.66 33.99 21.00
C ARG B 13 -25.58 35.33 20.27
N GLN B 14 -26.32 36.32 20.78
CA GLN B 14 -26.32 37.65 20.19
C GLN B 14 -24.94 38.26 20.27
N GLU B 15 -24.28 38.08 21.42
CA GLU B 15 -22.93 38.60 21.61
C GLU B 15 -21.98 37.93 20.62
N ALA B 16 -22.13 36.63 20.44
CA ALA B 16 -21.26 35.92 19.51
C ALA B 16 -21.47 36.47 18.11
N GLU B 17 -22.72 36.70 17.73
CA GLU B 17 -22.99 37.23 16.40
C GLU B 17 -22.37 38.61 16.22
N GLN B 18 -22.50 39.49 17.21
CA GLN B 18 -21.92 40.82 17.04
C GLN B 18 -20.40 40.74 16.94
N LEU B 19 -19.79 39.86 17.74
CA LEU B 19 -18.34 39.71 17.71
C LEU B 19 -17.89 39.22 16.34
N LYS B 20 -18.65 38.28 15.77
CA LYS B 20 -18.34 37.74 14.46
C LYS B 20 -18.44 38.83 13.41
N ASN B 21 -19.45 39.68 13.54
CA ASN B 21 -19.65 40.78 12.61
C ASN B 21 -18.48 41.76 12.69
N GLN B 22 -18.00 42.02 13.91
CA GLN B 22 -16.89 42.95 14.11
C GLN B 22 -15.56 42.45 13.53
N ILE B 23 -15.59 41.25 12.96
CA ILE B 23 -14.38 40.66 12.38
C ILE B 23 -14.48 40.64 10.85
N ARG B 24 -15.65 40.28 10.33
CA ARG B 24 -15.84 40.27 8.88
C ARG B 24 -15.72 41.67 8.29
N ASP B 25 -16.25 42.68 8.98
CA ASP B 25 -16.14 44.04 8.48
C ASP B 25 -14.69 44.51 8.46
N ALA B 26 -13.93 44.18 9.52
CA ALA B 26 -12.52 44.56 9.56
C ALA B 26 -11.73 43.88 8.44
N ARG B 27 -11.95 42.58 8.23
CA ARG B 27 -11.20 41.90 7.19
C ARG B 27 -11.60 42.39 5.81
N LYS B 28 -12.88 42.74 5.62
CA LYS B 28 -13.30 43.27 4.32
C LYS B 28 -12.71 44.64 4.08
N ALA B 29 -12.60 45.46 5.13
CA ALA B 29 -11.96 46.76 4.98
C ALA B 29 -10.49 46.61 4.63
N CYS B 30 -9.81 45.64 5.25
CA CYS B 30 -8.38 45.45 4.99
C CYS B 30 -8.14 44.62 3.73
N ALA B 31 -9.21 44.11 3.12
CA ALA B 31 -9.07 43.19 2.00
C ALA B 31 -8.32 43.80 0.83
N ASP B 32 -8.69 45.03 0.44
CA ASP B 32 -8.01 45.76 -0.62
C ASP B 32 -7.86 44.93 -1.89
N ALA B 33 -6.73 45.09 -2.59
CA ALA B 33 -6.53 44.42 -3.86
C ALA B 33 -6.19 42.94 -3.66
N THR B 34 -6.50 42.13 -4.67
CA THR B 34 -6.26 40.70 -4.62
C THR B 34 -4.90 40.36 -5.24
N LEU B 35 -4.50 39.09 -5.06
CA LEU B 35 -3.20 38.65 -5.56
C LEU B 35 -3.14 38.67 -7.08
N SER B 36 -4.26 38.36 -7.75
CA SER B 36 -4.25 38.25 -9.21
C SER B 36 -3.90 39.57 -9.88
N GLN B 37 -4.47 40.67 -9.39
CA GLN B 37 -4.26 41.97 -10.05
C GLN B 37 -2.78 42.34 -10.05
N ILE B 38 -2.12 42.12 -8.93
CA ILE B 38 -0.69 42.44 -8.79
C ILE B 38 0.28 41.45 -9.45
N THR B 39 -0.12 40.18 -9.52
CA THR B 39 0.75 39.14 -10.08
C THR B 39 0.59 38.87 -11.59
N ASN B 40 -0.32 39.61 -12.23
CA ASN B 40 -0.57 39.43 -13.66
C ASN B 40 0.62 39.72 -14.59
N ASN B 41 1.38 40.76 -14.27
CA ASN B 41 2.52 41.17 -15.11
C ASN B 41 3.64 40.13 -15.29
N ILE B 42 4.01 39.46 -14.20
CA ILE B 42 5.10 38.48 -14.22
C ILE B 42 4.98 37.36 -15.26
N ASP B 43 6.07 37.10 -15.98
CA ASP B 43 6.10 36.05 -16.98
C ASP B 43 5.78 34.72 -16.31
N PRO B 44 4.97 33.88 -16.98
CA PRO B 44 4.59 32.60 -16.38
C PRO B 44 5.74 31.60 -16.40
N VAL B 45 5.58 30.55 -15.60
CA VAL B 45 6.61 29.52 -15.51
C VAL B 45 6.69 28.73 -16.81
N GLY B 46 5.60 28.61 -17.54
CA GLY B 46 5.59 27.84 -18.78
C GLY B 46 4.98 26.46 -18.56
N ARG B 47 5.73 25.42 -18.91
CA ARG B 47 5.30 24.04 -18.72
C ARG B 47 6.35 23.27 -17.95
N ILE B 48 5.91 22.26 -17.21
CA ILE B 48 6.78 21.45 -16.38
C ILE B 48 6.65 20.00 -16.81
N GLN B 49 7.78 19.37 -17.13
CA GLN B 49 7.84 17.96 -17.45
C GLN B 49 8.63 17.24 -16.37
N MET B 50 8.04 16.22 -15.77
CA MET B 50 8.68 15.44 -14.72
C MET B 50 8.57 13.97 -15.07
N ARG B 51 9.66 13.22 -14.87
CA ARG B 51 9.73 11.83 -15.27
C ARG B 51 10.05 10.95 -14.07
N THR B 52 9.44 9.77 -14.04
CA THR B 52 9.68 8.83 -12.96
C THR B 52 11.11 8.32 -13.03
N ARG B 53 11.81 8.36 -11.89
CA ARG B 53 13.20 7.92 -11.84
C ARG B 53 13.40 6.65 -11.01
N ARG B 54 12.51 6.34 -10.08
CA ARG B 54 12.57 5.11 -9.32
C ARG B 54 11.17 4.58 -9.13
N THR B 55 11.08 3.31 -8.77
CA THR B 55 9.81 2.69 -8.39
C THR B 55 10.10 1.70 -7.28
N LEU B 56 9.71 2.04 -6.06
CA LEU B 56 9.98 1.22 -4.89
C LEU B 56 8.84 0.23 -4.69
N ARG B 57 9.19 -1.05 -4.62
CA ARG B 57 8.21 -2.12 -4.56
C ARG B 57 8.47 -3.00 -3.34
N GLY B 58 7.40 -3.57 -2.80
CA GLY B 58 7.52 -4.44 -1.65
C GLY B 58 6.37 -4.35 -0.67
N HIS B 59 5.49 -3.36 -0.82
CA HIS B 59 4.33 -3.24 0.04
C HIS B 59 3.20 -4.15 -0.46
N LEU B 60 2.57 -4.86 0.48
CA LEU B 60 1.49 -5.78 0.12
C LEU B 60 0.19 -5.04 -0.14
N ALA B 61 -0.32 -4.34 0.88
CA ALA B 61 -1.58 -3.64 0.78
C ALA B 61 -1.33 -2.18 0.38
N LYS B 62 -2.35 -1.34 0.47
CA LYS B 62 -2.27 0.05 0.06
C LYS B 62 -1.50 0.90 1.07
N ILE B 63 -1.06 2.07 0.61
CA ILE B 63 -0.19 2.97 1.36
C ILE B 63 -0.96 4.21 1.78
N TYR B 64 -0.80 4.64 3.04
CA TYR B 64 -1.40 5.89 3.50
C TYR B 64 -0.43 7.04 3.73
N ALA B 65 0.83 6.79 4.11
CA ALA B 65 1.69 7.90 4.50
C ALA B 65 3.14 7.61 4.15
N MET B 66 3.91 8.70 4.03
CA MET B 66 5.36 8.64 3.92
C MET B 66 5.94 9.96 4.39
N HIS B 67 7.23 9.94 4.73
CA HIS B 67 7.89 11.13 5.25
C HIS B 67 9.38 11.07 4.95
N TRP B 68 9.90 12.12 4.32
CA TRP B 68 11.31 12.19 3.97
C TRP B 68 12.17 12.37 5.20
N GLY B 69 13.48 12.13 5.02
CA GLY B 69 14.44 12.40 6.07
C GLY B 69 15.17 13.70 5.87
N THR B 70 15.83 14.18 6.93
CA THR B 70 16.57 15.43 6.84
C THR B 70 17.83 15.30 6.00
N ASP B 71 18.41 14.10 5.92
CA ASP B 71 19.60 13.91 5.09
C ASP B 71 19.27 13.87 3.60
N SER B 72 17.99 13.89 3.25
CA SER B 72 17.48 13.97 1.88
C SER B 72 17.67 12.69 1.09
N ARG B 73 17.98 11.58 1.75
CA ARG B 73 18.23 10.31 1.06
C ARG B 73 17.31 9.19 1.50
N LEU B 74 17.02 9.08 2.80
CA LEU B 74 16.16 8.04 3.33
C LEU B 74 14.72 8.53 3.42
N LEU B 75 13.79 7.57 3.49
CA LEU B 75 12.38 7.87 3.70
C LEU B 75 11.72 6.64 4.30
N VAL B 76 10.55 6.85 4.90
CA VAL B 76 9.79 5.80 5.58
C VAL B 76 8.37 5.80 5.02
N SER B 77 7.77 4.62 4.92
CA SER B 77 6.43 4.48 4.39
C SER B 77 5.65 3.49 5.24
N ALA B 78 4.33 3.67 5.27
CA ALA B 78 3.45 2.84 6.07
C ALA B 78 2.37 2.24 5.19
N SER B 79 1.94 1.02 5.49
CA SER B 79 0.98 0.31 4.68
C SER B 79 0.05 -0.50 5.57
N GLN B 80 -1.13 -0.84 5.02
CA GLN B 80 -2.21 -1.48 5.77
C GLN B 80 -1.94 -2.95 6.11
N ASP B 81 -0.92 -3.56 5.54
CA ASP B 81 -0.59 -4.93 5.91
C ASP B 81 0.14 -5.02 7.24
N GLY B 82 0.46 -3.89 7.86
CA GLY B 82 1.16 -3.88 9.14
C GLY B 82 2.67 -3.90 8.97
N LYS B 83 3.20 -2.95 8.19
CA LYS B 83 4.61 -2.93 7.87
C LYS B 83 5.09 -1.49 7.72
N LEU B 84 6.25 -1.20 8.31
CA LEU B 84 6.99 0.03 8.06
C LEU B 84 8.28 -0.34 7.35
N ILE B 85 8.59 0.34 6.25
CA ILE B 85 9.79 0.09 5.48
C ILE B 85 10.56 1.40 5.32
N ILE B 86 11.86 1.37 5.60
CA ILE B 86 12.75 2.50 5.42
C ILE B 86 13.59 2.24 4.18
N TRP B 87 13.49 3.12 3.19
CA TRP B 87 14.14 2.93 1.90
C TRP B 87 15.43 3.75 1.79
N ASP B 88 16.21 3.41 0.77
CA ASP B 88 17.36 4.19 0.34
C ASP B 88 17.06 4.68 -1.07
N SER B 89 16.64 5.93 -1.20
CA SER B 89 16.10 6.43 -2.45
C SER B 89 17.11 6.49 -3.58
N TYR B 90 18.41 6.41 -3.29
CA TYR B 90 19.42 6.48 -4.35
C TYR B 90 19.62 5.13 -5.02
N THR B 91 19.88 4.09 -4.24
CA THR B 91 20.15 2.76 -4.76
C THR B 91 18.95 1.84 -4.71
N THR B 92 17.79 2.32 -4.23
CA THR B 92 16.53 1.59 -4.15
C THR B 92 16.60 0.43 -3.14
N ASN B 93 17.65 0.36 -2.34
CA ASN B 93 17.79 -0.71 -1.37
C ASN B 93 16.81 -0.51 -0.20
N LYS B 94 16.63 -1.58 0.57
CA LYS B 94 15.84 -1.55 1.79
C LYS B 94 16.77 -1.63 2.99
N VAL B 95 16.59 -0.72 3.93
CA VAL B 95 17.42 -0.66 5.12
C VAL B 95 16.79 -1.41 6.29
N HIS B 96 15.50 -1.17 6.54
CA HIS B 96 14.80 -1.78 7.67
C HIS B 96 13.41 -2.22 7.24
N ALA B 97 12.89 -3.23 7.93
CA ALA B 97 11.50 -3.67 7.76
C ALA B 97 10.94 -3.94 9.15
N ILE B 98 9.91 -3.20 9.55
CA ILE B 98 9.42 -3.18 10.91
C ILE B 98 7.99 -3.71 10.91
N PRO B 99 7.68 -4.74 11.69
CA PRO B 99 6.29 -5.19 11.84
C PRO B 99 5.57 -4.49 12.98
N LEU B 100 4.32 -4.12 12.70
CA LEU B 100 3.51 -3.35 13.64
C LEU B 100 2.58 -4.26 14.43
N ARG B 101 2.13 -3.74 15.58
CA ARG B 101 1.18 -4.49 16.40
C ARG B 101 -0.23 -4.43 15.84
N SER B 102 -0.59 -3.32 15.21
CA SER B 102 -1.89 -3.13 14.59
C SER B 102 -1.71 -2.82 13.11
N SER B 103 -2.64 -3.29 12.29
CA SER B 103 -2.54 -3.15 10.85
C SER B 103 -3.25 -1.93 10.29
N TRP B 104 -4.05 -1.24 11.10
CA TRP B 104 -4.81 -0.09 10.63
C TRP B 104 -4.09 1.20 11.01
N VAL B 105 -2.99 1.45 10.29
CA VAL B 105 -2.11 2.59 10.55
C VAL B 105 -2.41 3.68 9.53
N MET B 106 -2.41 4.93 9.99
CA MET B 106 -2.79 6.05 9.14
C MET B 106 -1.69 7.09 8.93
N THR B 107 -0.62 7.08 9.70
CA THR B 107 0.39 8.12 9.58
C THR B 107 1.74 7.59 10.06
N CYS B 108 2.80 8.24 9.60
CA CYS B 108 4.16 7.95 10.04
C CYS B 108 4.96 9.23 10.01
N ALA B 109 5.98 9.30 10.86
CA ALA B 109 6.87 10.45 10.93
C ALA B 109 8.29 9.97 11.17
N TYR B 110 9.26 10.77 10.75
CA TYR B 110 10.67 10.41 10.83
C TYR B 110 11.42 11.55 11.52
N ALA B 111 12.14 11.23 12.59
CA ALA B 111 12.71 12.26 13.46
C ALA B 111 13.72 13.13 12.71
N PRO B 112 13.81 14.42 13.06
CA PRO B 112 14.77 15.28 12.37
C PRO B 112 16.22 14.86 12.53
N SER B 113 16.57 14.21 13.65
CA SER B 113 17.90 13.70 13.84
C SER B 113 18.12 12.35 13.18
N GLY B 114 17.06 11.65 12.78
CA GLY B 114 17.19 10.34 12.20
C GLY B 114 17.35 9.20 13.19
N ASN B 115 16.91 9.40 14.44
CA ASN B 115 17.03 8.37 15.46
C ASN B 115 15.74 7.62 15.73
N TYR B 116 14.58 8.18 15.38
CA TYR B 116 13.30 7.60 15.75
C TYR B 116 12.31 7.72 14.60
N VAL B 117 11.32 6.83 14.63
CA VAL B 117 10.14 6.90 13.76
C VAL B 117 8.91 6.72 14.64
N ALA B 118 7.77 7.18 14.12
CA ALA B 118 6.51 7.06 14.84
C ALA B 118 5.42 6.63 13.89
N CYS B 119 4.38 6.00 14.44
CA CYS B 119 3.23 5.59 13.64
C CYS B 119 2.02 5.41 14.55
N GLY B 120 0.85 5.56 13.97
CA GLY B 120 -0.40 5.39 14.70
C GLY B 120 -1.57 5.28 13.73
N GLY B 121 -2.72 4.92 14.30
CA GLY B 121 -3.90 4.70 13.48
C GLY B 121 -5.15 4.38 14.27
N LEU B 122 -5.89 3.36 13.85
CA LEU B 122 -7.15 3.02 14.50
C LEU B 122 -6.92 2.20 15.76
N ASP B 123 -6.05 2.68 16.64
CA ASP B 123 -5.86 2.05 17.93
C ASP B 123 -5.66 3.08 19.04
N ASN B 124 -5.72 4.37 18.75
CA ASN B 124 -5.61 5.45 19.72
C ASN B 124 -4.28 5.45 20.46
N ILE B 125 -3.22 4.95 19.83
CA ILE B 125 -1.90 4.87 20.42
C ILE B 125 -0.87 5.31 19.39
N CYS B 126 0.11 6.10 19.83
CA CYS B 126 1.25 6.50 19.01
C CYS B 126 2.49 5.79 19.55
N SER B 127 3.18 5.05 18.68
CA SER B 127 4.33 4.27 19.07
C SER B 127 5.61 4.91 18.55
N ILE B 128 6.68 4.79 19.35
CA ILE B 128 7.99 5.34 19.02
C ILE B 128 8.96 4.18 18.87
N TYR B 129 9.70 4.16 17.77
CA TYR B 129 10.65 3.09 17.48
C TYR B 129 12.06 3.66 17.45
N ASN B 130 12.98 2.98 18.12
CA ASN B 130 14.37 3.40 18.25
C ASN B 130 15.21 2.65 17.22
N LEU B 131 15.86 3.39 16.31
CA LEU B 131 16.58 2.80 15.20
C LEU B 131 18.04 2.50 15.51
N LYS B 132 18.65 3.22 16.45
CA LYS B 132 20.08 3.10 16.74
C LYS B 132 20.24 2.46 18.11
N THR B 133 20.29 1.12 18.14
CA THR B 133 20.45 0.36 19.36
C THR B 133 21.77 -0.40 19.33
N ARG B 134 22.22 -0.80 20.53
CA ARG B 134 23.42 -1.62 20.62
C ARG B 134 23.23 -2.95 19.92
N GLU B 135 22.07 -3.57 20.06
CA GLU B 135 21.71 -4.73 19.26
C GLU B 135 21.29 -4.28 17.86
N GLY B 136 21.36 -5.20 16.91
CA GLY B 136 21.03 -4.86 15.55
C GLY B 136 19.56 -5.07 15.21
N ASN B 137 18.67 -4.61 16.07
CA ASN B 137 17.23 -4.74 15.82
C ASN B 137 16.53 -3.47 16.24
N VAL B 138 15.39 -3.20 15.61
CA VAL B 138 14.56 -2.04 15.92
C VAL B 138 13.48 -2.49 16.90
N ARG B 139 13.40 -1.82 18.03
CA ARG B 139 12.44 -2.16 19.08
C ARG B 139 11.67 -0.91 19.49
N VAL B 140 10.44 -1.12 19.94
CA VAL B 140 9.59 -0.02 20.39
C VAL B 140 10.07 0.49 21.73
N SER B 141 10.08 1.80 21.90
CA SER B 141 10.60 2.42 23.11
C SER B 141 9.54 3.06 23.98
N ARG B 142 8.40 3.46 23.43
CA ARG B 142 7.38 4.14 24.22
C ARG B 142 6.06 4.11 23.46
N GLU B 143 4.98 3.83 24.19
CA GLU B 143 3.62 3.88 23.65
C GLU B 143 2.90 5.05 24.31
N LEU B 144 2.36 5.96 23.51
CA LEU B 144 1.68 7.14 24.01
C LEU B 144 0.18 6.96 23.89
N ALA B 145 -0.49 6.80 25.03
CA ALA B 145 -1.92 6.55 25.09
C ALA B 145 -2.61 7.65 25.88
N GLY B 146 -3.89 7.85 25.58
CA GLY B 146 -4.66 8.89 26.23
C GLY B 146 -5.67 9.54 25.31
N HIS B 147 -5.49 9.39 24.00
CA HIS B 147 -6.46 9.88 23.03
C HIS B 147 -7.69 9.00 23.01
N THR B 148 -8.78 9.53 22.45
CA THR B 148 -10.03 8.80 22.33
C THR B 148 -10.33 8.37 20.90
N GLY B 149 -10.07 9.21 19.91
CA GLY B 149 -10.27 8.87 18.51
C GLY B 149 -9.00 8.42 17.83
N TYR B 150 -9.17 8.04 16.57
CA TYR B 150 -8.05 7.55 15.76
C TYR B 150 -7.03 8.65 15.53
N LEU B 151 -5.75 8.25 15.47
CA LEU B 151 -4.68 9.20 15.19
C LEU B 151 -4.62 9.50 13.69
N SER B 152 -4.58 10.78 13.35
CA SER B 152 -4.55 11.19 11.96
C SER B 152 -3.24 11.83 11.52
N CYS B 153 -2.44 12.34 12.45
CA CYS B 153 -1.15 12.93 12.10
C CYS B 153 -0.27 12.99 13.34
N CYS B 154 1.04 13.10 13.10
CA CYS B 154 2.01 13.22 14.18
C CYS B 154 3.29 13.81 13.60
N ARG B 155 3.94 14.69 14.37
CA ARG B 155 5.15 15.36 13.91
C ARG B 155 6.09 15.56 15.08
N PHE B 156 7.39 15.43 14.82
CA PHE B 156 8.41 15.62 15.85
C PHE B 156 8.81 17.09 15.94
N LEU B 157 9.06 17.54 17.17
CA LEU B 157 9.74 18.82 17.39
C LEU B 157 11.23 18.63 17.61
N ASP B 158 11.58 17.71 18.49
CA ASP B 158 12.94 17.25 18.69
C ASP B 158 12.86 15.79 19.16
N ASP B 159 13.94 15.29 19.74
CA ASP B 159 13.96 13.89 20.16
C ASP B 159 13.00 13.59 21.31
N ASN B 160 12.44 14.61 21.96
CA ASN B 160 11.63 14.40 23.15
C ASN B 160 10.22 14.95 23.08
N GLN B 161 9.89 15.79 22.11
CA GLN B 161 8.56 16.39 22.01
C GLN B 161 7.93 16.04 20.68
N ILE B 162 6.67 15.62 20.72
CA ILE B 162 5.92 15.20 19.54
C ILE B 162 4.51 15.79 19.63
N VAL B 163 3.98 16.23 18.48
CA VAL B 163 2.65 16.82 18.39
C VAL B 163 1.76 15.85 17.60
N THR B 164 0.64 15.47 18.21
CA THR B 164 -0.27 14.49 17.61
C THR B 164 -1.64 15.10 17.36
N SER B 165 -2.31 14.60 16.34
CA SER B 165 -3.67 14.98 16.00
C SER B 165 -4.56 13.75 16.05
N SER B 166 -5.75 13.91 16.62
CA SER B 166 -6.64 12.76 16.83
C SER B 166 -8.03 13.08 16.29
N GLY B 167 -8.85 12.03 16.24
CA GLY B 167 -10.22 12.11 15.79
C GLY B 167 -11.21 12.51 16.86
N ASP B 168 -10.76 12.76 18.09
CA ASP B 168 -11.61 13.26 19.16
C ASP B 168 -11.62 14.78 19.23
N THR B 169 -11.32 15.45 18.11
CA THR B 169 -11.39 16.89 17.94
C THR B 169 -10.34 17.65 18.76
N THR B 170 -9.28 16.98 19.21
CA THR B 170 -8.24 17.63 20.00
C THR B 170 -6.86 17.29 19.48
N CYS B 171 -5.94 18.23 19.62
CA CYS B 171 -4.51 18.04 19.42
C CYS B 171 -3.85 17.93 20.78
N ALA B 172 -2.61 17.44 20.79
CA ALA B 172 -1.90 17.29 22.06
C ALA B 172 -0.40 17.38 21.85
N LEU B 173 0.29 17.83 22.88
CA LEU B 173 1.75 17.90 22.91
C LEU B 173 2.25 16.96 24.00
N TRP B 174 3.17 16.08 23.65
CA TRP B 174 3.59 15.00 24.53
C TRP B 174 5.02 15.19 24.99
N ASP B 175 5.41 14.34 25.94
CA ASP B 175 6.78 14.29 26.47
C ASP B 175 7.18 12.82 26.45
N ILE B 176 7.97 12.43 25.43
CA ILE B 176 8.25 11.02 25.20
C ILE B 176 8.97 10.39 26.38
N GLU B 177 9.73 11.19 27.14
CA GLU B 177 10.45 10.65 28.27
C GLU B 177 9.50 10.10 29.34
N THR B 178 8.42 10.82 29.62
CA THR B 178 7.44 10.39 30.61
C THR B 178 6.16 9.85 29.99
N GLY B 179 5.81 10.26 28.78
CA GLY B 179 4.65 9.71 28.11
C GLY B 179 3.32 10.32 28.50
N GLN B 180 3.33 11.54 29.05
CA GLN B 180 2.11 12.20 29.51
C GLN B 180 1.93 13.51 28.78
N GLN B 181 0.69 13.85 28.48
CA GLN B 181 0.39 15.11 27.83
C GLN B 181 0.78 16.28 28.72
N THR B 182 1.46 17.26 28.14
CA THR B 182 1.79 18.49 28.84
C THR B 182 0.93 19.67 28.39
N THR B 183 0.21 19.52 27.28
CA THR B 183 -0.65 20.59 26.77
C THR B 183 -1.72 19.94 25.90
N THR B 184 -2.92 20.50 25.93
CA THR B 184 -4.03 20.05 25.10
C THR B 184 -4.61 21.24 24.36
N PHE B 185 -4.91 21.04 23.08
CA PHE B 185 -5.40 22.10 22.20
C PHE B 185 -6.85 21.78 21.84
N THR B 186 -7.78 22.42 22.53
CA THR B 186 -9.20 22.23 22.32
C THR B 186 -9.81 23.45 21.64
N GLY B 187 -10.93 23.22 20.95
CA GLY B 187 -11.59 24.29 20.22
C GLY B 187 -12.19 23.87 18.90
N HIS B 188 -11.67 22.79 18.31
CA HIS B 188 -12.24 22.27 17.07
C HIS B 188 -13.58 21.59 17.33
N THR B 189 -14.42 21.54 16.29
CA THR B 189 -15.72 20.91 16.40
C THR B 189 -15.72 19.48 15.84
N GLY B 190 -15.21 19.30 14.63
CA GLY B 190 -15.09 17.98 14.04
C GLY B 190 -13.71 17.39 14.28
N ASP B 191 -13.53 16.15 13.81
CA ASP B 191 -12.26 15.46 13.99
C ASP B 191 -11.17 16.12 13.15
N VAL B 192 -9.98 16.21 13.73
CA VAL B 192 -8.84 16.88 13.10
C VAL B 192 -8.15 15.90 12.17
N MET B 193 -7.83 16.36 10.96
CA MET B 193 -7.33 15.48 9.92
C MET B 193 -5.84 15.63 9.65
N SER B 194 -5.25 16.80 9.88
CA SER B 194 -3.84 17.01 9.56
C SER B 194 -3.30 18.19 10.36
N LEU B 195 -1.98 18.30 10.40
CA LEU B 195 -1.32 19.44 11.01
C LEU B 195 0.02 19.68 10.29
N SER B 196 0.53 20.89 10.47
CA SER B 196 1.80 21.29 9.86
C SER B 196 2.56 22.21 10.81
N LEU B 197 3.79 21.83 11.11
CA LEU B 197 4.65 22.62 12.00
C LEU B 197 5.22 23.82 11.25
N ALA B 198 5.85 24.73 12.01
CA ALA B 198 6.49 25.92 11.49
C ALA B 198 8.00 25.73 11.45
N PRO B 199 8.70 26.45 10.57
CA PRO B 199 10.17 26.31 10.49
C PRO B 199 10.88 26.62 11.80
N ASP B 200 10.37 27.57 12.60
CA ASP B 200 10.98 27.90 13.87
C ASP B 200 10.44 27.05 15.02
N THR B 201 9.48 26.17 14.75
CA THR B 201 8.88 25.27 15.75
C THR B 201 8.30 26.06 16.93
N ARG B 202 7.64 27.18 16.63
CA ARG B 202 6.92 27.94 17.63
C ARG B 202 5.42 27.96 17.42
N LEU B 203 4.95 27.78 16.18
CA LEU B 203 3.53 27.73 15.88
C LEU B 203 3.26 26.51 15.02
N PHE B 204 1.97 26.21 14.85
CA PHE B 204 1.56 25.18 13.89
C PHE B 204 0.09 25.37 13.55
N VAL B 205 -0.27 24.98 12.33
CA VAL B 205 -1.63 25.09 11.84
C VAL B 205 -2.29 23.72 11.89
N SER B 206 -3.60 23.71 11.67
CA SER B 206 -4.39 22.50 11.81
C SER B 206 -5.61 22.57 10.91
N GLY B 207 -6.07 21.41 10.46
CA GLY B 207 -7.28 21.33 9.65
C GLY B 207 -8.19 20.23 10.15
N ALA B 208 -9.49 20.51 10.10
CA ALA B 208 -10.49 19.58 10.65
C ALA B 208 -11.69 19.50 9.71
N CYS B 209 -12.60 18.58 10.05
CA CYS B 209 -13.77 18.31 9.23
C CYS B 209 -14.87 19.35 9.38
N ASP B 210 -14.72 20.31 10.29
CA ASP B 210 -15.67 21.41 10.40
C ASP B 210 -15.35 22.55 9.44
N ALA B 211 -14.54 22.29 8.42
CA ALA B 211 -14.25 23.25 7.35
C ALA B 211 -13.60 24.53 7.87
N SER B 212 -12.71 24.41 8.87
CA SER B 212 -12.00 25.55 9.40
C SER B 212 -10.58 25.16 9.72
N ALA B 213 -9.68 26.15 9.68
CA ALA B 213 -8.28 25.97 10.02
C ALA B 213 -7.89 26.93 11.13
N LYS B 214 -7.10 26.45 12.08
CA LYS B 214 -6.71 27.23 13.24
C LYS B 214 -5.20 27.27 13.37
N LEU B 215 -4.71 28.33 14.01
CA LEU B 215 -3.30 28.51 14.29
C LEU B 215 -3.10 28.48 15.80
N TRP B 216 -2.13 27.68 16.26
CA TRP B 216 -1.92 27.47 17.68
C TRP B 216 -0.54 27.99 18.08
N ASP B 217 -0.38 28.22 19.39
CA ASP B 217 0.91 28.58 19.97
C ASP B 217 1.35 27.45 20.89
N VAL B 218 2.53 26.89 20.61
CA VAL B 218 2.97 25.70 21.33
C VAL B 218 3.33 26.05 22.78
N ARG B 219 3.97 27.21 22.98
CA ARG B 219 4.47 27.56 24.31
C ARG B 219 3.34 27.75 25.31
N GLU B 220 2.34 28.55 24.94
CA GLU B 220 1.28 28.90 25.88
C GLU B 220 -0.02 28.12 25.64
N GLY B 221 -0.11 27.38 24.54
CA GLY B 221 -1.20 26.44 24.33
C GLY B 221 -2.59 27.02 24.18
N MET B 222 -2.74 28.02 23.31
CA MET B 222 -4.04 28.63 23.06
C MET B 222 -4.13 29.03 21.59
N CYS B 223 -5.35 29.04 21.07
CA CYS B 223 -5.58 29.46 19.70
C CYS B 223 -5.30 30.94 19.54
N ARG B 224 -4.85 31.32 18.34
CA ARG B 224 -4.53 32.71 18.02
C ARG B 224 -5.37 33.26 16.88
N GLN B 225 -5.70 32.44 15.89
CA GLN B 225 -6.45 32.90 14.74
C GLN B 225 -7.30 31.75 14.21
N THR B 226 -8.33 32.10 13.44
CA THR B 226 -9.20 31.12 12.83
C THR B 226 -9.48 31.53 11.38
N PHE B 227 -9.41 30.55 10.47
CA PHE B 227 -9.57 30.78 9.05
C PHE B 227 -10.72 29.95 8.51
N THR B 228 -11.55 30.57 7.67
CA THR B 228 -12.68 29.90 7.04
C THR B 228 -12.74 30.30 5.58
N GLY B 229 -13.59 29.61 4.83
CA GLY B 229 -13.74 29.87 3.41
C GLY B 229 -13.99 28.61 2.61
N HIS B 230 -13.63 27.46 3.17
CA HIS B 230 -13.90 26.19 2.52
C HIS B 230 -15.35 25.78 2.76
N GLU B 231 -15.85 24.88 1.91
CA GLU B 231 -17.23 24.44 2.05
C GLU B 231 -17.34 23.04 2.66
N SER B 232 -16.30 22.23 2.55
CA SER B 232 -16.34 20.85 3.04
C SER B 232 -15.08 20.57 3.88
N ASP B 233 -14.88 19.29 4.18
CA ASP B 233 -13.83 18.84 5.07
C ASP B 233 -12.45 19.31 4.60
N ILE B 234 -11.49 19.30 5.52
CA ILE B 234 -10.09 19.59 5.23
C ILE B 234 -9.31 18.30 5.34
N ASN B 235 -8.60 17.94 4.27
CA ASN B 235 -7.86 16.69 4.22
C ASN B 235 -6.35 16.86 4.34
N ALA B 236 -5.80 17.97 3.84
CA ALA B 236 -4.36 18.17 3.87
C ALA B 236 -4.06 19.65 4.09
N ILE B 237 -2.96 19.91 4.80
CA ILE B 237 -2.51 21.28 5.06
C ILE B 237 -0.99 21.30 4.93
N CYS B 238 -0.47 22.32 4.24
CA CYS B 238 0.95 22.57 4.13
C CYS B 238 1.20 24.00 4.59
N PHE B 239 2.47 24.38 4.69
CA PHE B 239 2.81 25.65 5.29
C PHE B 239 3.96 26.29 4.49
N PHE B 240 3.79 27.57 4.16
CA PHE B 240 4.67 28.24 3.22
C PHE B 240 6.12 28.22 3.71
N PRO B 241 7.09 28.13 2.79
CA PRO B 241 8.50 28.13 3.22
C PRO B 241 8.92 29.36 4.00
N ASN B 242 8.38 30.52 3.65
CA ASN B 242 8.69 31.74 4.38
C ASN B 242 8.23 31.65 5.83
N GLY B 243 7.01 31.17 6.05
CA GLY B 243 6.42 31.09 7.37
C GLY B 243 5.24 32.02 7.58
N ASN B 244 4.78 32.75 6.57
CA ASN B 244 3.68 33.69 6.73
C ASN B 244 2.45 33.30 5.92
N ALA B 245 2.39 32.10 5.35
CA ALA B 245 1.22 31.66 4.61
C ALA B 245 1.10 30.15 4.72
N PHE B 246 -0.01 29.62 4.20
CA PHE B 246 -0.23 28.19 4.14
C PHE B 246 -1.36 27.89 3.16
N ALA B 247 -1.44 26.63 2.74
CA ALA B 247 -2.44 26.20 1.78
C ALA B 247 -3.13 24.94 2.29
N THR B 248 -4.40 24.80 1.93
CA THR B 248 -5.25 23.69 2.36
C THR B 248 -5.86 23.00 1.14
N GLY B 249 -6.34 21.77 1.35
CA GLY B 249 -7.01 21.02 0.31
C GLY B 249 -8.24 20.31 0.86
N SER B 250 -9.36 20.41 0.16
CA SER B 250 -10.64 20.00 0.71
C SER B 250 -11.32 18.96 -0.17
N ASP B 251 -12.52 18.56 0.25
CA ASP B 251 -13.34 17.59 -0.45
C ASP B 251 -14.21 18.21 -1.53
N ASP B 252 -14.16 19.52 -1.69
CA ASP B 252 -14.90 20.21 -2.75
C ASP B 252 -14.01 20.52 -3.95
N ALA B 253 -12.87 19.83 -4.05
CA ALA B 253 -11.95 19.95 -5.19
C ALA B 253 -11.43 21.37 -5.35
N THR B 254 -10.92 21.94 -4.25
CA THR B 254 -10.43 23.30 -4.28
C THR B 254 -9.29 23.45 -3.28
N CYS B 255 -8.39 24.40 -3.57
CA CYS B 255 -7.28 24.74 -2.69
C CYS B 255 -7.25 26.25 -2.47
N ARG B 256 -6.97 26.65 -1.23
CA ARG B 256 -6.87 28.05 -0.84
C ARG B 256 -5.44 28.40 -0.46
N LEU B 257 -5.21 29.71 -0.28
CA LEU B 257 -3.92 30.23 0.19
C LEU B 257 -4.24 31.34 1.18
N PHE B 258 -4.01 31.08 2.47
CA PHE B 258 -4.36 32.02 3.53
C PHE B 258 -3.12 32.74 4.04
N ASP B 259 -3.28 34.03 4.33
CA ASP B 259 -2.23 34.81 4.98
C ASP B 259 -2.35 34.72 6.49
N LEU B 260 -1.29 35.12 7.18
CA LEU B 260 -1.30 35.19 8.63
C LEU B 260 -1.51 36.61 9.13
N ARG B 261 -0.75 37.56 8.59
CA ARG B 261 -0.89 38.95 9.00
C ARG B 261 -2.15 39.58 8.43
N ALA B 262 -2.45 39.32 7.16
CA ALA B 262 -3.67 39.85 6.57
C ALA B 262 -4.91 39.12 7.08
N ASP B 263 -4.77 37.85 7.45
CA ASP B 263 -5.86 37.03 8.02
C ASP B 263 -7.05 36.95 7.05
N GLN B 264 -6.73 36.66 5.79
CA GLN B 264 -7.77 36.53 4.77
C GLN B 264 -7.39 35.43 3.79
N GLU B 265 -8.15 35.35 2.71
CA GLU B 265 -7.96 34.35 1.67
C GLU B 265 -7.34 35.00 0.43
N LEU B 266 -6.22 34.46 -0.03
CA LEU B 266 -5.60 34.88 -1.27
C LEU B 266 -6.12 34.00 -2.41
N MET B 267 -5.42 34.02 -3.54
CA MET B 267 -5.84 33.37 -4.77
C MET B 267 -6.29 31.93 -4.53
N THR B 268 -7.25 31.48 -5.34
CA THR B 268 -7.85 30.16 -5.24
C THR B 268 -7.50 29.33 -6.47
N TYR B 269 -7.10 28.08 -6.26
CA TYR B 269 -6.69 27.18 -7.34
C TYR B 269 -7.80 26.15 -7.55
N SER B 270 -8.54 26.30 -8.64
CA SER B 270 -9.61 25.35 -8.94
C SER B 270 -9.83 25.30 -10.45
N HIS B 271 -10.40 24.19 -10.89
CA HIS B 271 -10.68 23.96 -12.31
C HIS B 271 -11.98 23.19 -12.44
N ASP B 272 -12.63 23.33 -13.59
CA ASP B 272 -13.94 22.73 -13.81
C ASP B 272 -13.88 21.24 -14.15
N ASN B 273 -12.69 20.69 -14.40
CA ASN B 273 -12.55 19.30 -14.77
C ASN B 273 -12.27 18.39 -13.59
N ILE B 274 -12.20 18.93 -12.38
CA ILE B 274 -11.93 18.15 -11.17
C ILE B 274 -13.19 18.15 -10.32
N ILE B 275 -13.64 16.96 -9.92
CA ILE B 275 -14.84 16.81 -9.10
C ILE B 275 -14.46 16.15 -7.79
N CYS B 276 -13.39 15.37 -7.81
CA CYS B 276 -12.94 14.65 -6.63
C CYS B 276 -12.08 15.53 -5.74
N GLY B 277 -12.01 15.16 -4.47
CA GLY B 277 -11.29 15.96 -3.50
C GLY B 277 -9.78 15.74 -3.52
N ILE B 278 -9.07 16.65 -2.86
CA ILE B 278 -7.62 16.61 -2.75
C ILE B 278 -7.24 15.87 -1.48
N THR B 279 -6.21 15.03 -1.58
CA THR B 279 -5.72 14.27 -0.44
C THR B 279 -4.42 14.82 0.16
N SER B 280 -3.55 15.43 -0.64
CA SER B 280 -2.29 15.95 -0.13
C SER B 280 -1.91 17.22 -0.88
N VAL B 281 -1.16 18.08 -0.19
CA VAL B 281 -0.57 19.28 -0.79
C VAL B 281 0.86 19.43 -0.28
N SER B 282 1.66 20.15 -1.06
CA SER B 282 3.04 20.45 -0.68
C SER B 282 3.58 21.54 -1.59
N PHE B 283 4.56 22.28 -1.09
CA PHE B 283 5.21 23.36 -1.83
C PHE B 283 6.59 22.93 -2.31
N SER B 284 7.16 23.76 -3.18
CA SER B 284 8.53 23.63 -3.63
C SER B 284 9.48 24.35 -2.67
N LYS B 285 10.78 24.30 -2.97
CA LYS B 285 11.77 24.92 -2.10
C LYS B 285 11.62 26.43 -2.04
N SER B 286 11.35 27.07 -3.18
CA SER B 286 11.17 28.51 -3.24
C SER B 286 9.73 28.96 -3.09
N GLY B 287 8.78 28.02 -3.05
CA GLY B 287 7.38 28.37 -2.94
C GLY B 287 6.72 28.78 -4.24
N ARG B 288 7.39 28.61 -5.38
CA ARG B 288 6.82 28.99 -6.67
C ARG B 288 5.78 28.00 -7.18
N LEU B 289 5.91 26.71 -6.84
CA LEU B 289 5.00 25.70 -7.36
C LEU B 289 4.28 25.01 -6.21
N LEU B 290 2.96 24.90 -6.36
CA LEU B 290 2.11 24.16 -5.44
C LEU B 290 1.57 22.96 -6.19
N LEU B 291 1.83 21.76 -5.68
CA LEU B 291 1.41 20.53 -6.32
C LEU B 291 0.61 19.68 -5.35
N ALA B 292 -0.54 19.19 -5.80
CA ALA B 292 -1.50 18.50 -4.95
C ALA B 292 -1.95 17.21 -5.61
N GLY B 293 -2.29 16.21 -4.79
CA GLY B 293 -2.75 14.93 -5.27
C GLY B 293 -4.27 14.82 -5.17
N TYR B 294 -4.86 14.14 -6.15
CA TYR B 294 -6.30 14.06 -6.30
C TYR B 294 -6.77 12.61 -6.18
N ASP B 295 -8.09 12.43 -6.25
CA ASP B 295 -8.66 11.09 -6.25
C ASP B 295 -8.81 10.51 -7.65
N ASP B 296 -8.76 11.34 -8.69
CA ASP B 296 -8.89 10.81 -10.04
C ASP B 296 -7.55 10.31 -10.56
N PHE B 297 -6.87 9.49 -9.77
CA PHE B 297 -5.70 8.72 -10.18
C PHE B 297 -4.48 9.60 -10.47
N ASN B 298 -4.60 10.92 -10.33
CA ASN B 298 -3.63 11.85 -10.89
C ASN B 298 -3.03 12.73 -9.81
N CYS B 299 -2.05 13.53 -10.22
CA CYS B 299 -1.44 14.57 -9.39
C CYS B 299 -1.20 15.79 -10.28
N ASN B 300 -1.58 16.96 -9.79
CA ASN B 300 -1.47 18.20 -10.55
C ASN B 300 -0.43 19.11 -9.93
N VAL B 301 0.18 19.96 -10.76
CA VAL B 301 1.15 20.95 -10.32
C VAL B 301 0.62 22.33 -10.71
N TRP B 302 0.40 23.17 -9.71
CA TRP B 302 -0.11 24.51 -9.94
C TRP B 302 1.00 25.55 -9.80
N ASP B 303 0.81 26.69 -10.45
CA ASP B 303 1.65 27.85 -10.22
C ASP B 303 1.13 28.60 -9.01
N ALA B 304 1.95 28.71 -7.97
CA ALA B 304 1.49 29.23 -6.69
C ALA B 304 1.12 30.72 -6.74
N LEU B 305 1.47 31.43 -7.81
CA LEU B 305 1.21 32.86 -7.89
C LEU B 305 0.14 33.24 -8.90
N LYS B 306 -0.16 32.37 -9.87
CA LYS B 306 -1.09 32.73 -10.93
C LYS B 306 -2.24 31.75 -11.10
N ALA B 307 -2.28 30.66 -10.33
CA ALA B 307 -3.36 29.66 -10.40
C ALA B 307 -3.53 29.14 -11.82
N ASP B 308 -2.42 28.76 -12.44
CA ASP B 308 -2.42 28.19 -13.79
C ASP B 308 -1.93 26.76 -13.72
N ARG B 309 -2.58 25.88 -14.46
CA ARG B 309 -2.18 24.47 -14.49
C ARG B 309 -0.93 24.34 -15.34
N ALA B 310 0.17 23.89 -14.72
CA ALA B 310 1.46 23.74 -15.40
C ALA B 310 2.02 22.37 -15.03
N GLY B 311 1.69 21.36 -15.82
CA GLY B 311 2.22 20.03 -15.62
C GLY B 311 1.23 19.11 -14.96
N VAL B 312 1.35 17.82 -15.28
CA VAL B 312 0.54 16.76 -14.70
C VAL B 312 1.44 15.58 -14.43
N LEU B 313 1.34 15.01 -13.22
CA LEU B 313 2.16 13.86 -12.83
C LEU B 313 1.31 12.60 -12.91
N ALA B 314 1.21 12.05 -14.12
CA ALA B 314 0.43 10.84 -14.37
C ALA B 314 1.32 9.60 -14.35
N HIS B 316 0.15 6.29 -11.85
CA HIS B 316 -0.47 5.51 -10.79
C HIS B 316 -1.79 4.90 -11.25
N ASP B 317 -2.15 3.76 -10.67
CA ASP B 317 -3.31 2.99 -11.09
C ASP B 317 -4.44 3.05 -10.06
N ASN B 318 -4.24 3.74 -8.94
CA ASN B 318 -5.29 3.88 -7.94
C ASN B 318 -5.19 5.27 -7.32
N ARG B 319 -5.90 5.46 -6.21
CA ARG B 319 -5.96 6.74 -5.54
C ARG B 319 -4.58 7.15 -5.00
N VAL B 320 -4.25 8.43 -5.14
CA VAL B 320 -2.99 8.96 -4.62
C VAL B 320 -3.23 9.47 -3.20
N SER B 321 -2.42 8.98 -2.25
CA SER B 321 -2.69 9.24 -0.84
C SER B 321 -1.66 10.12 -0.15
N CYS B 322 -0.45 10.28 -0.69
CA CYS B 322 0.55 11.08 -0.01
C CYS B 322 1.55 11.66 -1.00
N LEU B 323 2.15 12.78 -0.61
CA LEU B 323 3.19 13.46 -1.38
C LEU B 323 4.40 13.70 -0.50
N GLY B 324 5.33 14.49 -1.01
CA GLY B 324 6.52 14.85 -0.28
C GLY B 324 7.56 15.50 -1.17
N VAL B 325 8.22 16.54 -0.68
CA VAL B 325 9.27 17.24 -1.41
C VAL B 325 10.52 17.25 -0.56
N THR B 326 11.66 16.99 -1.19
CA THR B 326 12.92 16.86 -0.46
C THR B 326 13.32 18.20 0.14
N ASP B 327 14.14 18.14 1.20
CA ASP B 327 14.53 19.36 1.91
C ASP B 327 15.29 20.32 1.00
N ASP B 328 16.16 19.79 0.14
CA ASP B 328 16.88 20.62 -0.82
C ASP B 328 16.16 20.73 -2.15
N GLY B 329 14.93 20.24 -2.23
CA GLY B 329 14.13 20.40 -3.43
C GLY B 329 14.56 19.58 -4.61
N MET B 330 15.28 18.48 -4.40
CA MET B 330 15.80 17.71 -5.52
C MET B 330 14.70 16.90 -6.19
N ALA B 331 13.83 16.27 -5.41
CA ALA B 331 12.91 15.28 -5.94
C ALA B 331 11.53 15.46 -5.32
N VAL B 332 10.57 14.69 -5.83
CA VAL B 332 9.22 14.60 -5.30
C VAL B 332 8.84 13.14 -5.25
N ALA B 333 8.27 12.70 -4.13
CA ALA B 333 7.83 11.32 -3.97
C ALA B 333 6.32 11.28 -3.73
N THR B 334 5.67 10.28 -4.31
CA THR B 334 4.23 10.08 -4.16
C THR B 334 3.94 8.65 -3.78
N GLY B 335 2.87 8.44 -3.00
CA GLY B 335 2.37 7.13 -2.69
C GLY B 335 0.96 6.98 -3.26
N SER B 336 0.45 5.75 -3.22
CA SER B 336 -0.85 5.47 -3.80
C SER B 336 -1.40 4.17 -3.24
N TRP B 337 -2.66 3.91 -3.58
CA TRP B 337 -3.38 2.75 -3.07
C TRP B 337 -3.11 1.48 -3.86
N ASP B 338 -2.29 1.54 -4.92
CA ASP B 338 -1.82 0.35 -5.60
C ASP B 338 -0.49 -0.15 -5.06
N SER B 339 0.00 0.43 -3.97
CA SER B 339 1.15 -0.05 -3.21
C SER B 339 2.47 0.16 -3.95
N PHE B 340 2.58 1.28 -4.67
CA PHE B 340 3.81 1.63 -5.36
C PHE B 340 4.23 3.04 -4.99
N LEU B 341 5.52 3.23 -4.73
CA LEU B 341 6.12 4.53 -4.48
C LEU B 341 6.93 4.93 -5.71
N LYS B 342 6.66 6.12 -6.23
CA LYS B 342 7.35 6.63 -7.40
C LYS B 342 8.09 7.91 -7.04
N ILE B 343 9.31 8.05 -7.54
CA ILE B 343 10.14 9.23 -7.29
C ILE B 343 10.28 9.97 -8.61
N TRP B 344 9.92 11.24 -8.60
CA TRP B 344 9.98 12.10 -9.78
C TRP B 344 11.08 13.13 -9.61
N ASN B 345 11.53 13.71 -10.72
CA ASN B 345 12.63 14.66 -10.67
C ASN B 345 12.61 15.58 -11.88
N GLN C 1 -17.79 30.91 6.95
CA GLN C 1 -18.26 29.55 7.12
C GLN C 1 -19.65 29.38 6.51
N VAL C 2 -20.35 28.34 6.94
CA VAL C 2 -21.70 28.07 6.45
C VAL C 2 -22.72 28.22 7.57
N GLN C 3 -23.75 29.03 7.32
CA GLN C 3 -24.79 29.27 8.30
C GLN C 3 -26.17 28.91 7.78
N LEU C 4 -26.93 28.17 8.58
CA LEU C 4 -28.28 27.77 8.20
C LEU C 4 -29.30 28.35 9.17
N GLN C 5 -30.32 28.99 8.63
CA GLN C 5 -31.36 29.61 9.45
C GLN C 5 -32.73 29.00 9.18
N GLU C 6 -33.42 28.63 10.25
CA GLU C 6 -34.74 28.03 10.13
C GLU C 6 -35.80 28.89 10.81
N SER C 7 -36.88 29.17 10.09
CA SER C 7 -37.96 29.99 10.62
C SER C 7 -39.27 29.22 10.67
N GLY C 8 -39.94 29.26 11.81
CA GLY C 8 -41.21 28.56 11.98
C GLY C 8 -41.99 29.05 13.18
N LEU C 11 -46.98 27.91 19.36
CA LEU C 11 -47.92 26.86 19.78
C LEU C 11 -49.08 26.90 18.84
N VAL C 12 -49.58 25.74 18.46
CA VAL C 12 -50.71 25.66 17.57
C VAL C 12 -51.75 24.67 18.11
N GLN C 13 -53.04 25.00 18.04
CA GLN C 13 -54.01 24.03 18.49
C GLN C 13 -54.03 22.91 17.50
N PRO C 14 -54.21 21.69 17.98
CA PRO C 14 -54.12 20.53 17.13
C PRO C 14 -54.99 20.55 15.91
N GLY C 15 -54.52 20.00 14.81
CA GLY C 15 -55.30 20.01 13.60
C GLY C 15 -54.76 20.99 12.60
N GLY C 16 -53.92 21.88 13.10
CA GLY C 16 -53.29 22.91 12.30
C GLY C 16 -52.16 22.46 11.40
N SER C 17 -51.75 23.38 10.53
CA SER C 17 -50.69 23.17 9.57
C SER C 17 -49.68 24.30 9.71
N LEU C 18 -48.46 24.15 9.18
CA LEU C 18 -47.46 25.21 9.29
C LEU C 18 -46.43 25.17 8.17
N ARG C 19 -45.59 26.20 8.07
CA ARG C 19 -44.52 26.25 7.07
C ARG C 19 -43.20 26.56 7.74
N LEU C 20 -42.19 25.71 7.60
CA LEU C 20 -40.94 26.04 8.25
C LEU C 20 -39.78 26.03 7.31
N SER C 21 -39.07 27.16 7.16
CA SER C 21 -37.95 27.27 6.23
C SER C 21 -36.53 27.21 6.75
N CYS C 22 -35.63 27.42 5.82
CA CYS C 22 -34.19 27.39 6.10
C CYS C 22 -33.52 28.44 5.19
N ALA C 23 -32.67 29.32 5.72
CA ALA C 23 -32.02 30.34 4.96
C ALA C 23 -30.58 29.97 5.06
N ALA C 24 -29.91 29.80 3.93
CA ALA C 24 -28.53 29.44 4.00
C ALA C 24 -27.72 30.12 2.95
N SER C 25 -26.47 30.43 3.30
CA SER C 25 -25.57 31.08 2.39
C SER C 25 -24.18 30.67 2.72
N GLY C 26 -23.29 30.81 1.76
CA GLY C 26 -21.93 30.45 2.03
C GLY C 26 -21.53 29.32 1.14
N PHE C 27 -22.41 28.36 0.98
CA PHE C 27 -22.13 27.21 0.13
C PHE C 27 -23.02 27.29 -1.09
N THR C 28 -22.71 26.44 -2.08
CA THR C 28 -23.54 26.30 -3.27
C THR C 28 -24.72 25.40 -2.93
N PHE C 29 -25.92 25.98 -2.91
CA PHE C 29 -27.10 25.24 -2.47
C PHE C 29 -27.49 24.15 -3.47
N SER C 30 -27.28 24.41 -4.76
CA SER C 30 -27.74 23.51 -5.81
C SER C 30 -26.91 22.24 -5.96
N ASN C 31 -25.95 22.03 -5.08
CA ASN C 31 -25.13 20.87 -5.23
C ASN C 31 -25.17 20.03 -4.03
N TYR C 32 -26.17 20.16 -3.19
CA TYR C 32 -26.18 19.35 -2.00
C TYR C 32 -27.51 18.73 -1.59
N LYS C 33 -27.48 17.53 -1.04
CA LYS C 33 -28.68 16.90 -0.54
C LYS C 33 -29.04 17.57 0.75
N MET C 34 -30.32 17.63 1.10
CA MET C 34 -30.71 18.30 2.34
C MET C 34 -31.64 17.49 3.21
N ASN C 35 -31.66 17.76 4.50
CA ASN C 35 -32.51 17.01 5.40
C ASN C 35 -33.04 17.81 6.60
N TRP C 36 -34.15 17.37 7.19
CA TRP C 36 -34.69 18.00 8.38
C TRP C 36 -34.65 16.96 9.45
N VAL C 37 -34.17 17.27 10.64
CA VAL C 37 -34.10 16.32 11.72
C VAL C 37 -34.74 16.98 12.90
N ARG C 38 -35.51 16.27 13.70
CA ARG C 38 -36.13 16.95 14.82
C ARG C 38 -35.85 16.23 16.08
N GLN C 39 -35.91 16.91 17.20
CA GLN C 39 -35.65 16.23 18.43
C GLN C 39 -36.73 16.41 19.47
N ALA C 40 -37.31 15.30 19.89
CA ALA C 40 -38.35 15.35 20.88
C ALA C 40 -37.77 15.61 22.23
N PRO C 41 -38.53 16.25 23.11
CA PRO C 41 -38.07 16.48 24.47
C PRO C 41 -37.82 15.13 25.08
N LYS C 43 -35.59 12.84 24.03
CA LYS C 43 -35.44 11.74 23.07
C LYS C 43 -34.32 11.95 22.05
N GLY C 44 -33.82 10.90 21.41
CA GLY C 44 -32.78 11.07 20.40
C GLY C 44 -33.29 11.69 19.12
N LEU C 45 -32.43 12.38 18.38
CA LEU C 45 -32.85 13.00 17.15
C LEU C 45 -33.26 11.96 16.14
N GLU C 46 -34.28 12.24 15.35
CA GLU C 46 -34.73 11.28 14.36
C GLU C 46 -34.79 11.90 12.98
N TRP C 47 -34.50 11.11 11.98
CA TRP C 47 -34.51 11.56 10.60
C TRP C 47 -35.93 11.83 10.16
N VAL C 48 -36.19 12.88 9.37
CA VAL C 48 -37.53 13.10 8.88
C VAL C 48 -37.81 13.13 7.35
N SER C 49 -37.14 13.96 6.54
CA SER C 49 -37.46 14.02 5.09
C SER C 49 -36.45 14.46 4.02
N ASP C 50 -35.46 13.67 3.66
CA ASP C 50 -34.48 14.13 2.66
C ASP C 50 -35.03 14.39 1.26
N ILE C 51 -34.36 15.28 0.53
CA ILE C 51 -34.77 15.63 -0.83
C ILE C 51 -33.56 15.59 -1.76
N SER C 52 -33.79 15.30 -3.04
CA SER C 52 -32.72 15.21 -4.03
C SER C 52 -32.22 16.56 -4.48
N GLN C 53 -31.09 16.60 -5.19
CA GLN C 53 -30.51 17.86 -5.63
C GLN C 53 -31.46 18.62 -6.50
N SER C 54 -32.10 17.93 -7.41
CA SER C 54 -33.06 18.62 -8.22
C SER C 54 -34.43 18.31 -7.67
N GLY C 55 -34.50 17.57 -6.56
CA GLY C 55 -35.80 17.24 -6.01
C GLY C 55 -36.42 15.97 -6.55
N ALA C 56 -35.72 15.26 -7.40
CA ALA C 56 -36.27 14.03 -7.93
C ALA C 56 -36.66 13.07 -6.84
N SER C 57 -35.81 12.90 -5.84
CA SER C 57 -36.10 11.94 -4.80
C SER C 57 -36.47 12.57 -3.49
N ILE C 58 -37.63 12.19 -2.99
CA ILE C 58 -38.15 12.68 -1.75
C ILE C 58 -38.48 11.48 -0.91
N SER C 59 -38.09 11.48 0.35
CA SER C 59 -38.39 10.35 1.23
C SER C 59 -38.90 10.85 2.55
N TYR C 60 -39.70 10.06 3.24
CA TYR C 60 -40.24 10.45 4.53
C TYR C 60 -40.29 9.26 5.44
N THR C 61 -40.54 9.54 6.71
CA THR C 61 -40.68 8.52 7.73
C THR C 61 -42.15 8.12 7.76
N GLY C 62 -42.43 6.96 8.32
CA GLY C 62 -43.79 6.44 8.40
C GLY C 62 -44.69 7.28 9.28
N SER C 63 -44.14 7.85 10.35
CA SER C 63 -44.94 8.63 11.29
C SER C 63 -45.50 9.90 10.67
N VAL C 64 -44.86 10.43 9.63
CA VAL C 64 -45.32 11.66 8.98
C VAL C 64 -45.59 11.48 7.50
N LYS C 65 -45.50 10.25 6.98
CA LYS C 65 -45.75 10.03 5.56
C LYS C 65 -47.20 10.37 5.22
N GLY C 66 -47.38 11.16 4.17
CA GLY C 66 -48.69 11.64 3.79
C GLY C 66 -49.16 12.87 4.52
N ARG C 67 -48.45 13.31 5.56
CA ARG C 67 -48.90 14.49 6.29
C ARG C 67 -47.98 15.70 6.20
N PHE C 68 -46.74 15.47 5.76
CA PHE C 68 -45.74 16.51 5.67
C PHE C 68 -45.11 16.43 4.31
N THR C 69 -44.82 17.56 3.70
CA THR C 69 -44.19 17.55 2.38
C THR C 69 -43.04 18.55 2.34
N ILE C 70 -41.87 18.12 1.86
CA ILE C 70 -40.74 19.04 1.82
C ILE C 70 -40.23 19.37 0.43
N SER C 71 -40.02 20.63 0.16
CA SER C 71 -39.52 21.09 -1.14
C SER C 71 -38.69 22.35 -0.99
N ARG C 72 -37.66 22.52 -1.82
CA ARG C 72 -36.79 23.68 -1.72
C ARG C 72 -36.56 24.36 -3.04
N ASP C 73 -36.32 25.66 -3.03
CA ASP C 73 -36.11 26.40 -4.26
C ASP C 73 -34.69 26.89 -4.38
N ASN C 74 -34.03 26.53 -5.47
CA ASN C 74 -32.64 26.89 -5.68
C ASN C 74 -32.41 28.35 -5.85
N ALA C 75 -33.39 29.05 -6.38
CA ALA C 75 -33.18 30.45 -6.65
C ALA C 75 -32.81 31.25 -5.44
N LYS C 76 -33.46 31.01 -4.33
CA LYS C 76 -33.11 31.78 -3.17
C LYS C 76 -32.29 31.04 -2.14
N ASN C 77 -31.81 29.84 -2.45
CA ASN C 77 -31.05 28.99 -1.51
C ASN C 77 -31.83 28.87 -0.21
N THR C 78 -33.05 28.37 -0.32
CA THR C 78 -33.96 28.18 0.81
C THR C 78 -34.71 26.87 0.63
N LEU C 79 -34.93 26.16 1.72
CA LEU C 79 -35.64 24.88 1.67
C LEU C 79 -36.62 24.78 2.82
N TYR C 80 -37.87 24.46 2.54
CA TYR C 80 -38.85 24.41 3.60
C TYR C 80 -39.88 23.30 3.45
N LEU C 81 -40.35 22.81 4.59
CA LEU C 81 -41.34 21.75 4.60
C LEU C 81 -42.65 22.30 5.09
N GLN C 82 -43.72 22.03 4.34
CA GLN C 82 -45.04 22.51 4.67
C GLN C 82 -45.72 21.61 5.66
N MET C 83 -45.55 21.88 6.94
CA MET C 83 -46.20 21.07 7.94
C MET C 83 -47.71 21.24 7.83
N ASN C 84 -48.44 20.15 7.99
CA ASN C 84 -49.90 20.20 7.89
C ASN C 84 -50.61 19.20 8.77
N SER C 85 -51.85 19.52 9.14
CA SER C 85 -52.69 18.64 9.97
C SER C 85 -51.95 18.20 11.19
N LEU C 86 -51.22 18.98 11.94
CA LEU C 86 -50.54 18.56 13.14
C LEU C 86 -51.33 17.80 14.17
N LYS C 87 -50.59 17.07 14.96
CA LYS C 87 -51.10 16.23 16.01
C LYS C 87 -50.44 16.58 17.30
N PRO C 88 -50.92 16.00 18.39
CA PRO C 88 -50.24 16.31 19.65
C PRO C 88 -48.77 15.89 19.61
N ASP C 90 -45.75 16.07 18.52
CA ASP C 90 -44.91 16.87 17.63
C ASP C 90 -44.27 18.05 18.33
N THR C 91 -43.97 17.91 19.61
CA THR C 91 -43.32 18.97 20.33
C THR C 91 -41.85 18.65 20.21
N ALA C 92 -41.18 19.33 19.31
CA ALA C 92 -39.77 19.10 19.10
C ALA C 92 -39.17 20.29 18.45
N VAL C 93 -37.85 20.37 18.46
CA VAL C 93 -37.20 21.48 17.83
C VAL C 93 -36.72 20.95 16.51
N TYR C 94 -37.10 21.58 15.42
CA TYR C 94 -36.72 21.07 14.11
C TYR C 94 -35.52 21.74 13.49
N TYR C 95 -34.45 20.96 13.33
CA TYR C 95 -33.23 21.45 12.75
C TYR C 95 -33.22 21.32 11.28
N CYS C 96 -32.14 21.74 10.66
CA CYS C 96 -31.92 21.63 9.22
C CYS C 96 -30.56 21.02 9.02
N ALA C 97 -30.32 20.35 7.90
CA ALA C 97 -29.02 19.72 7.73
C ALA C 97 -28.55 19.62 6.29
N ARG C 98 -27.26 19.42 6.11
CA ARG C 98 -26.72 19.29 4.79
C ARG C 98 -25.77 18.13 4.80
N CYS C 99 -25.68 17.39 3.71
CA CYS C 99 -24.78 16.27 3.63
C CYS C 99 -23.38 16.80 3.56
N PRO C 100 -22.41 16.07 4.07
CA PRO C 100 -21.03 16.55 4.14
C PRO C 100 -20.35 16.90 2.84
N ALA C 101 -20.47 16.13 1.78
CA ALA C 101 -19.75 16.50 0.58
C ALA C 101 -20.70 16.66 -0.51
N PRO C 102 -20.39 17.52 -1.47
CA PRO C 102 -21.22 17.78 -2.63
C PRO C 102 -21.18 16.60 -3.57
N PHE C 103 -22.24 16.42 -4.36
CA PHE C 103 -22.40 15.33 -5.35
C PHE C 103 -22.38 13.87 -4.90
N THR C 104 -22.91 13.53 -3.74
CA THR C 104 -22.93 12.13 -3.37
C THR C 104 -24.22 11.72 -2.72
N ARG C 105 -24.72 10.56 -3.06
CA ARG C 105 -25.94 10.06 -2.47
C ARG C 105 -25.79 9.79 -0.97
N ASP C 106 -24.65 9.24 -0.58
CA ASP C 106 -24.41 8.88 0.82
C ASP C 106 -24.28 10.05 1.77
N CYS C 107 -24.72 9.88 3.02
CA CYS C 107 -24.63 10.93 4.03
C CYS C 107 -24.78 10.44 5.47
N PHE C 108 -24.02 11.01 6.38
CA PHE C 108 -24.00 10.59 7.77
C PHE C 108 -24.27 11.71 8.79
N ASP C 109 -25.42 12.37 8.69
CA ASP C 109 -25.76 13.50 9.54
C ASP C 109 -26.98 13.48 10.39
N THR C 111 -25.82 12.88 14.06
CA THR C 111 -25.10 12.55 15.26
C THR C 111 -25.27 13.69 16.22
N SER C 112 -25.16 13.43 17.51
CA SER C 112 -25.41 14.48 18.47
C SER C 112 -24.18 15.22 18.83
N THR C 113 -23.09 14.96 18.14
CA THR C 113 -21.88 15.67 18.49
C THR C 113 -21.63 16.87 17.60
N THR C 114 -22.50 17.85 17.67
CA THR C 114 -22.33 19.06 16.91
C THR C 114 -22.05 18.88 15.44
N TYR C 115 -22.88 18.14 14.74
CA TYR C 115 -22.68 18.01 13.32
C TYR C 115 -22.75 19.48 12.95
N ALA C 116 -21.58 19.97 12.58
CA ALA C 116 -21.26 21.33 12.14
C ALA C 116 -22.27 21.83 11.11
N TYR C 117 -22.69 20.98 10.18
CA TYR C 117 -23.54 21.41 9.08
C TYR C 117 -25.02 21.30 9.46
N ARG C 118 -25.33 21.93 10.57
CA ARG C 118 -26.67 21.95 11.12
C ARG C 118 -26.89 23.29 11.76
N GLY C 119 -28.12 23.75 11.68
CA GLY C 119 -28.52 25.02 12.24
C GLY C 119 -28.77 24.97 13.72
N GLN C 120 -28.96 26.13 14.31
CA GLN C 120 -29.27 26.20 15.72
C GLN C 120 -30.61 25.54 15.98
N GLY C 121 -31.59 25.76 15.10
CA GLY C 121 -32.90 25.13 15.22
C GLY C 121 -34.02 25.88 15.93
N THR C 122 -35.26 25.48 15.69
CA THR C 122 -36.42 26.14 16.29
C THR C 122 -37.35 25.19 17.00
N GLN C 123 -38.19 25.73 17.87
CA GLN C 123 -39.13 24.93 18.67
C GLN C 123 -40.58 25.15 18.30
N VAL C 124 -41.31 24.07 18.10
CA VAL C 124 -42.70 24.16 17.74
C VAL C 124 -43.62 23.50 18.75
N THR C 125 -44.65 24.21 19.20
CA THR C 125 -45.57 23.60 20.15
C THR C 125 -46.93 23.37 19.56
N VAL C 126 -47.39 22.13 19.65
CA VAL C 126 -48.67 21.73 19.12
C VAL C 126 -49.36 21.05 20.25
N SER C 127 -49.74 21.89 21.20
CA SER C 127 -50.42 21.54 22.43
C SER C 127 -51.16 22.80 22.90
N SER C 128 -52.09 22.65 23.82
CA SER C 128 -52.85 23.81 24.27
C SER C 128 -52.34 24.57 25.48
N TYR D 26 -1.25 -17.39 -52.61
CA TYR D 26 -0.11 -17.37 -51.72
C TYR D 26 -0.23 -16.31 -50.66
N SER D 27 -0.75 -15.15 -51.00
CA SER D 27 -0.90 -14.05 -50.07
C SER D 27 -1.74 -14.38 -48.86
N LEU D 28 -2.79 -15.16 -49.05
CA LEU D 28 -3.65 -15.54 -47.97
C LEU D 28 -2.90 -16.26 -46.90
N MET D 29 -1.97 -17.12 -47.24
CA MET D 29 -1.15 -17.69 -46.21
C MET D 29 -0.31 -16.59 -45.59
N SER D 30 0.21 -15.68 -46.39
CA SER D 30 1.10 -14.72 -45.81
C SER D 30 0.55 -13.83 -44.76
N LEU D 31 -0.64 -13.29 -44.96
CA LEU D 31 -1.22 -12.39 -43.98
C LEU D 31 -1.29 -13.00 -42.61
N ILE D 32 -1.61 -14.25 -42.62
CA ILE D 32 -1.78 -15.05 -41.41
C ILE D 32 -0.55 -14.96 -40.52
N ILE D 33 0.64 -15.08 -41.12
CA ILE D 33 1.87 -15.01 -40.33
C ILE D 33 2.02 -13.65 -39.68
N LEU D 34 1.73 -12.58 -40.43
CA LEU D 34 1.84 -11.23 -39.88
C LEU D 34 0.88 -11.04 -38.71
N ALA D 35 -0.36 -11.52 -38.85
CA ALA D 35 -1.32 -11.41 -37.76
C ALA D 35 -0.83 -12.15 -36.53
N THR D 36 -0.30 -13.37 -36.71
CA THR D 36 0.25 -14.11 -35.59
C THR D 36 1.34 -13.32 -34.88
N LEU D 37 2.29 -12.81 -35.67
CA LEU D 37 3.44 -12.12 -35.09
C LEU D 37 3.02 -10.88 -34.31
N VAL D 38 2.17 -10.05 -34.92
CA VAL D 38 1.79 -8.81 -34.27
C VAL D 38 0.94 -9.08 -33.03
N GLY D 39 -0.04 -9.98 -33.14
CA GLY D 39 -0.88 -10.30 -32.01
C GLY D 39 -0.14 -10.88 -30.83
N ASN D 40 0.89 -11.68 -31.08
CA ASN D 40 1.69 -12.19 -29.97
C ASN D 40 2.63 -11.14 -29.40
N LEU D 41 3.21 -10.30 -30.27
CA LEU D 41 4.13 -9.27 -29.79
C LEU D 41 3.43 -8.28 -28.88
N ILE D 42 2.21 -7.87 -29.24
CA ILE D 42 1.49 -6.89 -28.43
C ILE D 42 1.25 -7.45 -27.02
N VAL D 43 0.80 -8.70 -26.94
CA VAL D 43 0.53 -9.30 -25.63
C VAL D 43 1.82 -9.45 -24.83
N ILE D 44 2.90 -9.90 -25.46
CA ILE D 44 4.16 -10.08 -24.73
C ILE D 44 4.63 -8.75 -24.15
N ILE D 45 4.65 -7.70 -24.98
CA ILE D 45 5.13 -6.40 -24.51
C ILE D 45 4.23 -5.86 -23.40
N SER D 46 2.91 -5.97 -23.58
CA SER D 46 1.97 -5.43 -22.60
C SER D 46 2.14 -6.11 -21.25
N ILE D 47 2.17 -7.45 -21.23
CA ILE D 47 2.32 -8.14 -19.96
C ILE D 47 3.68 -7.86 -19.35
N SER D 48 4.71 -7.72 -20.19
CA SER D 48 6.07 -7.52 -19.66
C SER D 48 6.23 -6.14 -19.03
N HIS D 49 5.57 -5.12 -19.59
CA HIS D 49 5.84 -3.76 -19.15
C HIS D 49 5.01 -3.36 -17.95
N PHE D 50 3.68 -3.41 -18.08
CA PHE D 50 2.78 -2.85 -17.07
C PHE D 50 2.94 -3.57 -15.74
N LYS D 51 3.06 -2.81 -14.66
CA LYS D 51 3.29 -3.36 -13.33
C LYS D 51 2.05 -3.91 -12.62
N GLN D 52 0.87 -3.50 -13.05
CA GLN D 52 -0.34 -3.97 -12.40
C GLN D 52 -0.84 -5.29 -12.97
N LEU D 53 -0.12 -5.88 -13.95
CA LEU D 53 -0.51 -7.11 -14.60
C LEU D 53 0.41 -8.28 -14.26
N HIS D 54 1.09 -8.22 -13.11
CA HIS D 54 2.08 -9.22 -12.74
C HIS D 54 1.51 -10.28 -11.79
N THR D 55 0.24 -10.63 -11.96
CA THR D 55 -0.35 -11.68 -11.15
C THR D 55 0.07 -13.06 -11.67
N PRO D 56 0.03 -14.08 -10.81
CA PRO D 56 0.53 -15.40 -11.24
C PRO D 56 -0.17 -15.98 -12.46
N THR D 57 -1.46 -15.72 -12.65
CA THR D 57 -2.17 -16.32 -13.76
C THR D 57 -1.74 -15.73 -15.10
N ASN D 58 -1.35 -14.45 -15.13
CA ASN D 58 -0.99 -13.81 -16.39
C ASN D 58 0.35 -14.28 -16.95
N TRP D 59 1.19 -14.91 -16.13
CA TRP D 59 2.44 -15.45 -16.65
C TRP D 59 2.20 -16.64 -17.58
N LEU D 60 1.05 -17.29 -17.47
CA LEU D 60 0.75 -18.37 -18.36
C LEU D 60 0.46 -17.76 -19.66
N LEU D 61 -0.34 -16.75 -19.69
CA LEU D 61 -0.63 -16.07 -20.95
C LEU D 61 0.64 -15.54 -21.60
N HIS D 62 1.55 -14.99 -20.79
CA HIS D 62 2.82 -14.51 -21.32
C HIS D 62 3.62 -15.64 -21.97
N SER D 63 3.72 -16.78 -21.30
CA SER D 63 4.49 -17.91 -21.84
C SER D 63 3.83 -18.48 -23.11
N MET D 64 2.50 -18.58 -23.11
CA MET D 64 1.82 -19.08 -24.30
C MET D 64 1.99 -18.12 -25.47
N ALA D 65 1.96 -16.81 -25.21
CA ALA D 65 2.23 -15.84 -26.26
C ALA D 65 3.67 -15.98 -26.78
N ILE D 66 4.61 -16.25 -25.88
CA ILE D 66 6.01 -16.43 -26.29
C ILE D 66 6.14 -17.63 -27.23
N VAL D 67 5.52 -18.75 -26.86
CA VAL D 67 5.68 -19.95 -27.70
C VAL D 67 4.97 -19.78 -29.03
N ASP D 68 3.80 -19.13 -29.04
CA ASP D 68 3.13 -18.85 -30.30
C ASP D 68 3.97 -17.91 -31.18
N PHE D 69 4.61 -16.92 -30.56
CA PHE D 69 5.48 -16.01 -31.30
C PHE D 69 6.66 -16.76 -31.91
N LEU D 70 7.26 -17.67 -31.15
CA LEU D 70 8.36 -18.48 -31.68
C LEU D 70 7.91 -19.31 -32.87
N LEU D 71 6.73 -19.92 -32.75
CA LEU D 71 6.17 -20.74 -33.81
C LEU D 71 5.94 -19.92 -35.07
N GLY D 72 5.36 -18.72 -34.90
CA GLY D 72 5.08 -17.85 -36.03
C GLY D 72 6.34 -17.32 -36.69
N CYS D 73 7.39 -17.10 -35.90
CA CYS D 73 8.64 -16.59 -36.46
C CYS D 73 9.42 -17.68 -37.20
N LEU D 74 9.40 -18.91 -36.67
CA LEU D 74 10.27 -19.97 -37.19
C LEU D 74 9.59 -20.85 -38.25
N ILE D 75 8.46 -21.46 -37.91
CA ILE D 75 7.95 -22.56 -38.73
C ILE D 75 7.15 -22.03 -39.92
N MET D 76 6.58 -20.84 -39.79
CA MET D 76 5.74 -20.30 -40.87
C MET D 76 6.46 -20.18 -42.20
N PRO D 77 7.66 -19.59 -42.30
CA PRO D 77 8.26 -19.43 -43.65
C PRO D 77 8.65 -20.73 -44.32
N CYS D 78 9.22 -21.68 -43.57
CA CYS D 78 9.65 -22.93 -44.17
C CYS D 78 8.46 -23.74 -44.68
N SER D 79 7.42 -23.86 -43.87
CA SER D 79 6.21 -24.56 -44.32
C SER D 79 5.54 -23.80 -45.46
N MET D 80 5.63 -22.48 -45.44
CA MET D 80 5.11 -21.66 -46.54
C MET D 80 5.79 -22.02 -47.85
N VAL D 81 7.12 -22.10 -47.84
CA VAL D 81 7.86 -22.44 -49.07
C VAL D 81 7.54 -23.87 -49.49
N ARG D 82 7.42 -24.77 -48.54
CA ARG D 82 7.17 -26.13 -48.94
C ARG D 82 5.85 -26.31 -49.54
N THR D 83 4.87 -25.70 -48.95
CA THR D 83 3.52 -25.94 -49.43
C THR D 83 3.34 -25.47 -50.88
N VAL D 84 3.82 -24.27 -51.18
CA VAL D 84 3.58 -23.69 -52.50
C VAL D 84 4.38 -24.41 -53.58
N GLU D 85 5.57 -24.90 -53.26
CA GLU D 85 6.41 -25.53 -54.27
C GLU D 85 6.18 -27.01 -54.33
N ARG D 86 5.42 -27.52 -53.36
CA ARG D 86 5.11 -28.95 -53.28
C ARG D 86 6.38 -29.79 -53.38
N CYS D 87 7.51 -29.19 -53.00
CA CYS D 87 8.83 -29.87 -53.04
C CYS D 87 9.96 -29.34 -52.13
N TRP D 88 10.47 -30.16 -51.21
CA TRP D 88 11.57 -29.75 -50.32
C TRP D 88 12.81 -29.22 -51.04
N TYR D 89 13.38 -28.10 -50.57
CA TYR D 89 14.52 -27.48 -51.19
C TYR D 89 15.74 -27.46 -50.34
N PHE D 90 15.81 -28.25 -49.30
CA PHE D 90 16.96 -28.11 -48.44
C PHE D 90 17.57 -29.38 -48.13
N GLY D 91 18.39 -29.35 -47.11
CA GLY D 91 19.12 -30.50 -46.75
C GLY D 91 18.29 -31.59 -46.21
N GLU D 92 18.83 -32.80 -46.29
CA GLU D 92 18.18 -33.95 -45.74
C GLU D 92 18.47 -34.08 -44.26
N ILE D 93 19.31 -33.20 -43.72
CA ILE D 93 19.57 -33.20 -42.28
C ILE D 93 18.89 -31.96 -41.76
N LEU D 94 18.02 -31.40 -42.57
CA LEU D 94 17.35 -30.14 -42.20
C LEU D 94 15.90 -30.39 -41.85
N CYS D 95 15.29 -31.33 -42.56
CA CYS D 95 13.90 -31.68 -42.32
C CYS D 95 13.75 -32.26 -40.91
N LYS D 96 14.70 -33.08 -40.51
CA LYS D 96 14.69 -33.69 -39.19
C LYS D 96 14.65 -32.66 -38.07
N VAL D 97 14.93 -31.40 -38.39
CA VAL D 97 14.92 -30.35 -37.38
C VAL D 97 13.59 -29.58 -37.42
N HIS D 98 13.13 -29.24 -38.62
CA HIS D 98 11.90 -28.47 -38.78
C HIS D 98 10.70 -29.24 -38.25
N THR D 99 10.61 -30.54 -38.56
CA THR D 99 9.49 -31.34 -38.08
C THR D 99 9.53 -31.47 -36.56
N SER D 100 10.72 -31.67 -35.99
CA SER D 100 10.84 -31.76 -34.54
C SER D 100 10.38 -30.47 -33.87
N THR D 101 10.81 -29.33 -34.40
CA THR D 101 10.41 -28.05 -33.82
C THR D 101 8.90 -27.84 -33.94
N ASP D 102 8.32 -28.22 -35.08
CA ASP D 102 6.88 -28.08 -35.26
C ASP D 102 6.11 -28.88 -34.21
N ILE D 103 6.50 -30.16 -34.02
CA ILE D 103 5.82 -30.99 -33.04
C ILE D 103 5.98 -30.42 -31.64
N MET D 104 7.22 -30.02 -31.29
CA MET D 104 7.48 -29.36 -30.01
C MET D 104 6.50 -28.22 -29.75
N LEU D 105 6.44 -27.28 -30.68
CA LEU D 105 5.70 -26.05 -30.42
C LEU D 105 4.20 -26.27 -30.39
N SER D 106 3.69 -27.15 -31.27
CA SER D 106 2.25 -27.44 -31.24
C SER D 106 1.87 -28.10 -29.91
N SER D 107 2.67 -29.07 -29.49
CA SER D 107 2.42 -29.77 -28.23
C SER D 107 2.46 -28.82 -27.04
N ALA D 108 3.42 -27.89 -27.06
CA ALA D 108 3.56 -26.92 -25.98
C ALA D 108 2.34 -25.99 -25.91
N SER D 109 1.86 -25.52 -27.07
CA SER D 109 0.69 -24.65 -27.07
C SER D 109 -0.53 -25.38 -26.51
N ILE D 110 -0.73 -26.64 -26.91
CA ILE D 110 -1.89 -27.38 -26.43
C ILE D 110 -1.81 -27.60 -24.92
N PHE D 111 -0.60 -27.90 -24.42
CA PHE D 111 -0.44 -28.09 -22.97
C PHE D 111 -0.73 -26.80 -22.21
N HIS D 112 -0.30 -25.66 -22.78
CA HIS D 112 -0.60 -24.37 -22.14
C HIS D 112 -2.11 -24.14 -22.06
N LEU D 113 -2.84 -24.47 -23.13
CA LEU D 113 -4.30 -24.32 -23.09
C LEU D 113 -4.91 -25.19 -22.00
N ALA D 114 -4.45 -26.43 -21.88
CA ALA D 114 -4.99 -27.32 -20.84
C ALA D 114 -4.73 -26.76 -19.44
N PHE D 115 -3.53 -26.22 -19.21
CA PHE D 115 -3.22 -25.68 -17.89
C PHE D 115 -4.03 -24.42 -17.60
N ILE D 116 -4.33 -23.63 -18.60
CA ILE D 116 -5.17 -22.48 -18.36
C ILE D 116 -6.53 -22.96 -17.97
N SER D 117 -7.07 -23.96 -18.64
CA SER D 117 -8.38 -24.49 -18.25
C SER D 117 -8.37 -24.96 -16.80
N ILE D 118 -7.31 -25.65 -16.37
CA ILE D 118 -7.26 -26.10 -14.99
C ILE D 118 -7.21 -24.91 -14.02
N ASP D 119 -6.51 -23.84 -14.41
CA ASP D 119 -6.50 -22.63 -13.60
C ASP D 119 -7.90 -22.07 -13.43
N ARG D 120 -8.65 -21.96 -14.53
CA ARG D 120 -10.01 -21.44 -14.45
C ARG D 120 -10.90 -22.33 -13.59
N TYR D 121 -10.72 -23.66 -13.71
CA TYR D 121 -11.52 -24.58 -12.90
C TYR D 121 -11.24 -24.38 -11.42
N CYS D 122 -9.97 -24.23 -11.05
CA CYS D 122 -9.66 -24.01 -9.64
C CYS D 122 -10.19 -22.67 -9.16
N ALA D 123 -10.21 -21.67 -10.05
CA ALA D 123 -10.77 -20.38 -9.69
C ALA D 123 -12.25 -20.49 -9.35
N VAL D 124 -13.06 -20.88 -10.32
CA VAL D 124 -14.50 -20.85 -10.17
C VAL D 124 -15.17 -21.81 -9.29
N CYS D 125 -14.81 -23.09 -9.33
CA CYS D 125 -15.54 -24.10 -8.58
C CYS D 125 -15.29 -24.06 -7.08
N ASP D 126 -14.05 -23.85 -6.69
CA ASP D 126 -13.67 -23.88 -5.25
C ASP D 126 -12.90 -22.68 -4.74
N PRO D 127 -13.62 -21.62 -4.33
CA PRO D 127 -12.92 -20.34 -4.21
C PRO D 127 -12.09 -20.02 -2.99
N LEU D 128 -12.55 -20.41 -1.80
CA LEU D 128 -11.90 -20.05 -0.55
C LEU D 128 -10.41 -20.30 -0.52
N ARG D 129 -9.94 -21.17 -1.41
CA ARG D 129 -8.52 -21.50 -1.46
C ARG D 129 -7.93 -21.30 -2.84
N TYR D 130 -8.36 -20.25 -3.54
CA TYR D 130 -7.83 -20.00 -4.87
C TYR D 130 -6.46 -19.31 -4.80
N LYS D 131 -6.31 -18.33 -3.90
CA LYS D 131 -5.05 -17.60 -3.83
C LYS D 131 -3.92 -18.48 -3.31
N ALA D 132 -4.23 -19.42 -2.42
CA ALA D 132 -3.19 -20.30 -1.90
C ALA D 132 -2.73 -21.30 -2.96
N LYS D 133 -3.63 -21.75 -3.82
CA LYS D 133 -3.29 -22.81 -4.78
C LYS D 133 -2.46 -22.27 -5.94
N ILE D 134 -2.66 -21.01 -6.30
CA ILE D 134 -2.13 -20.48 -7.56
C ILE D 134 -1.02 -19.47 -7.28
N ASN D 135 -0.25 -19.71 -6.23
CA ASN D 135 0.96 -18.94 -6.01
C ASN D 135 1.93 -19.09 -7.17
N ILE D 136 2.98 -18.28 -7.17
CA ILE D 136 3.86 -18.16 -8.34
C ILE D 136 4.60 -19.47 -8.61
N SER D 137 4.86 -20.25 -7.56
CA SER D 137 5.62 -21.49 -7.73
C SER D 137 4.84 -22.49 -8.57
N THR D 138 3.54 -22.60 -8.36
CA THR D 138 2.72 -23.52 -9.15
C THR D 138 2.72 -23.14 -10.63
N ILE D 139 2.61 -21.84 -10.93
CA ILE D 139 2.65 -21.39 -12.31
C ILE D 139 4.02 -21.67 -12.92
N LEU D 140 5.08 -21.47 -12.14
CA LEU D 140 6.42 -21.75 -12.64
C LEU D 140 6.57 -23.23 -12.98
N VAL D 141 6.08 -24.11 -12.12
CA VAL D 141 6.17 -25.55 -12.37
C VAL D 141 5.37 -25.92 -13.62
N MET D 142 4.17 -25.35 -13.77
CA MET D 142 3.37 -25.65 -14.96
C MET D 142 4.11 -25.21 -16.23
N ILE D 143 4.68 -24.02 -16.22
CA ILE D 143 5.42 -23.53 -17.38
C ILE D 143 6.61 -24.43 -17.68
N LEU D 144 7.34 -24.83 -16.64
CA LEU D 144 8.51 -25.68 -16.84
C LEU D 144 8.13 -27.01 -17.44
N VAL D 145 7.09 -27.66 -16.92
CA VAL D 145 6.65 -28.95 -17.46
C VAL D 145 6.20 -28.79 -18.92
N SER D 146 5.42 -27.76 -19.20
CA SER D 146 4.87 -27.59 -20.54
C SER D 146 5.97 -27.28 -21.57
N TRP D 147 7.04 -26.61 -21.12
CA TRP D 147 8.15 -26.35 -22.05
C TRP D 147 9.08 -27.55 -22.16
N SER D 148 9.17 -28.36 -21.11
CA SER D 148 10.18 -29.42 -21.08
C SER D 148 9.70 -30.68 -21.79
N LEU D 149 8.51 -31.18 -21.45
CA LEU D 149 8.11 -32.51 -21.90
C LEU D 149 8.00 -32.60 -23.42
N PRO D 150 7.31 -31.68 -24.13
CA PRO D 150 7.20 -31.81 -25.59
C PRO D 150 8.54 -31.81 -26.30
N ALA D 151 9.51 -31.04 -25.79
CA ALA D 151 10.81 -30.95 -26.45
C ALA D 151 11.51 -32.31 -26.48
N VAL D 152 11.64 -32.94 -25.30
CA VAL D 152 12.31 -34.24 -25.25
C VAL D 152 11.50 -35.27 -26.04
N TYR D 153 10.17 -35.15 -26.05
CA TYR D 153 9.30 -36.11 -26.72
C TYR D 153 9.43 -36.05 -28.23
N ALA D 154 9.42 -34.82 -28.70
CA ALA D 154 9.45 -34.50 -30.12
C ALA D 154 10.71 -35.08 -30.73
N PHE D 155 11.83 -34.54 -30.25
CA PHE D 155 13.20 -34.86 -30.63
C PHE D 155 13.55 -36.33 -30.45
N GLY D 156 13.45 -36.87 -29.24
CA GLY D 156 13.73 -38.30 -29.15
C GLY D 156 12.94 -39.20 -30.07
N MET D 157 11.70 -38.96 -30.30
CA MET D 157 10.96 -39.44 -31.47
C MET D 157 11.47 -39.25 -32.89
N ILE D 158 12.02 -38.07 -33.20
CA ILE D 158 12.36 -37.81 -34.60
C ILE D 158 13.83 -38.10 -34.88
N PHE D 159 14.76 -37.57 -34.07
CA PHE D 159 16.18 -37.78 -34.35
C PHE D 159 16.54 -39.26 -34.28
N LEU D 160 15.98 -39.97 -33.35
CA LEU D 160 16.11 -41.39 -33.46
C LEU D 160 14.95 -41.77 -34.32
N GLU D 161 15.03 -42.94 -34.83
CA GLU D 161 13.93 -43.41 -35.67
C GLU D 161 12.99 -44.29 -34.84
N LEU D 162 12.02 -43.63 -34.22
CA LEU D 162 10.93 -44.31 -33.52
C LEU D 162 9.66 -44.40 -34.38
N ASN D 163 9.30 -43.32 -35.07
CA ASN D 163 8.14 -43.36 -35.94
C ASN D 163 8.38 -44.28 -37.14
N LEU D 164 9.63 -44.42 -37.57
CA LEU D 164 9.96 -45.26 -38.72
C LEU D 164 10.42 -46.63 -38.24
N LYS D 165 9.49 -47.51 -37.98
CA LYS D 165 9.90 -48.83 -37.60
C LYS D 165 9.08 -49.78 -38.39
N GLY D 166 9.67 -50.33 -39.42
CA GLY D 166 8.93 -51.27 -40.21
C GLY D 166 8.19 -50.67 -41.36
N VAL D 167 8.26 -49.38 -41.52
CA VAL D 167 7.63 -48.82 -42.69
C VAL D 167 8.65 -48.17 -43.58
N GLU D 168 9.87 -48.52 -43.31
CA GLU D 168 10.99 -47.99 -44.03
C GLU D 168 10.89 -48.13 -45.53
N GLU D 169 10.56 -49.31 -46.06
CA GLU D 169 10.51 -49.44 -47.51
C GLU D 169 9.46 -48.55 -48.09
N LEU D 170 8.31 -48.55 -47.43
CA LEU D 170 7.17 -47.74 -47.80
C LEU D 170 7.51 -46.28 -47.66
N TYR D 171 8.25 -45.96 -46.60
CA TYR D 171 8.63 -44.61 -46.38
C TYR D 171 9.46 -44.17 -47.50
N ARG D 172 10.42 -44.97 -47.94
CA ARG D 172 11.26 -44.59 -49.03
C ARG D 172 10.45 -44.38 -50.28
N SER D 173 9.50 -45.27 -50.53
CA SER D 173 8.71 -45.12 -51.72
C SER D 173 7.96 -43.80 -51.72
N GLN D 174 7.35 -43.48 -50.60
CA GLN D 174 6.67 -42.20 -50.44
C GLN D 174 7.59 -40.94 -50.44
N VAL D 175 8.77 -41.09 -49.86
CA VAL D 175 9.83 -40.07 -49.69
C VAL D 175 10.69 -39.65 -50.87
N SER D 176 11.06 -40.57 -51.76
CA SER D 176 11.88 -40.24 -52.92
C SER D 176 11.06 -39.57 -54.01
N ASP D 177 10.34 -38.51 -53.63
CA ASP D 177 9.50 -37.77 -54.57
C ASP D 177 9.32 -36.32 -54.13
N GLY D 180 9.96 -34.86 -50.33
CA GLY D 180 9.56 -33.80 -49.43
C GLY D 180 9.72 -34.18 -47.98
N CYS D 181 8.76 -33.76 -47.16
CA CYS D 181 8.79 -34.08 -45.75
C CYS D 181 7.35 -34.06 -45.25
N SER D 182 7.08 -34.88 -44.26
CA SER D 182 5.75 -34.94 -43.72
C SER D 182 5.83 -35.62 -42.40
N PRO D 183 4.86 -35.32 -41.51
CA PRO D 183 4.70 -35.96 -40.19
C PRO D 183 4.25 -37.37 -40.55
N PHE D 184 5.26 -38.19 -40.82
CA PHE D 184 5.11 -39.55 -41.32
C PHE D 184 5.01 -40.29 -40.03
N PHE D 185 4.12 -41.27 -40.01
CA PHE D 185 3.85 -42.01 -38.79
C PHE D 185 3.50 -43.45 -39.12
N SER D 186 3.98 -44.38 -38.31
CA SER D 186 3.67 -45.78 -38.45
C SER D 186 2.30 -46.08 -37.84
N LYS D 187 2.01 -47.37 -37.67
CA LYS D 187 0.72 -47.78 -37.15
C LYS D 187 0.63 -47.56 -35.64
N VAL D 188 1.76 -47.71 -34.94
CA VAL D 188 1.72 -47.64 -33.47
C VAL D 188 2.20 -46.28 -32.99
N SER D 189 3.28 -45.75 -33.56
CA SER D 189 3.79 -44.46 -33.12
C SER D 189 2.79 -43.35 -33.36
N GLY D 190 2.12 -43.37 -34.52
CA GLY D 190 1.13 -42.34 -34.81
C GLY D 190 -0.05 -42.39 -33.85
N VAL D 191 -0.53 -43.60 -33.55
CA VAL D 191 -1.67 -43.70 -32.64
C VAL D 191 -1.27 -43.29 -31.23
N LEU D 192 -0.04 -43.59 -30.82
CA LEU D 192 0.41 -43.17 -29.49
C LEU D 192 0.54 -41.66 -29.40
N ALA D 193 1.09 -41.03 -30.45
CA ALA D 193 1.21 -39.57 -30.47
C ALA D 193 -0.16 -38.92 -30.43
N PHE D 194 -1.09 -39.43 -31.24
CA PHE D 194 -2.47 -38.94 -31.18
C PHE D 194 -3.03 -39.08 -29.77
N MET D 195 -2.95 -40.30 -29.21
CA MET D 195 -3.47 -40.55 -27.87
C MET D 195 -2.99 -39.49 -26.90
N THR D 196 -1.66 -39.38 -26.74
CA THR D 196 -1.15 -38.40 -25.79
C THR D 196 -1.65 -36.99 -26.10
N SER D 197 -1.21 -36.45 -27.25
CA SER D 197 -1.33 -35.01 -27.49
C SER D 197 -2.77 -34.55 -27.60
N PHE D 198 -3.63 -35.34 -28.26
CA PHE D 198 -5.01 -34.94 -28.43
C PHE D 198 -5.98 -35.74 -27.55
N TYR D 199 -5.50 -36.39 -26.50
CA TYR D 199 -6.50 -37.00 -25.66
C TYR D 199 -6.33 -36.68 -24.19
N ILE D 200 -5.12 -36.42 -23.72
CA ILE D 200 -5.06 -35.94 -22.34
C ILE D 200 -5.51 -34.48 -22.26
N PRO D 201 -4.91 -33.54 -23.01
CA PRO D 201 -5.37 -32.15 -22.88
C PRO D 201 -6.84 -31.93 -23.21
N GLY D 202 -7.35 -32.60 -24.26
CA GLY D 202 -8.74 -32.42 -24.62
C GLY D 202 -9.70 -32.97 -23.57
N SER D 203 -9.37 -34.14 -23.00
CA SER D 203 -10.20 -34.70 -21.95
C SER D 203 -10.20 -33.82 -20.71
N VAL D 204 -9.03 -33.25 -20.38
CA VAL D 204 -8.98 -32.31 -19.26
C VAL D 204 -9.74 -31.02 -19.53
N MET D 205 -9.76 -30.54 -20.78
CA MET D 205 -10.44 -29.29 -21.12
C MET D 205 -11.95 -29.42 -21.17
N LEU D 206 -12.46 -30.43 -21.88
CA LEU D 206 -13.91 -30.53 -22.10
C LEU D 206 -14.67 -30.78 -20.80
N PHE D 207 -14.16 -31.67 -19.95
CA PHE D 207 -14.81 -31.97 -18.68
C PHE D 207 -14.88 -30.72 -17.80
N VAL D 208 -13.77 -29.98 -17.72
CA VAL D 208 -13.73 -28.75 -16.94
C VAL D 208 -14.77 -27.75 -17.45
N TYR D 209 -14.84 -27.56 -18.76
CA TYR D 209 -15.75 -26.53 -19.24
C TYR D 209 -17.21 -26.96 -19.12
N TYR D 210 -17.49 -28.26 -19.23
CA TYR D 210 -18.84 -28.77 -18.95
C TYR D 210 -19.25 -28.46 -17.52
N ARG D 211 -18.40 -28.85 -16.56
CA ARG D 211 -18.70 -28.65 -15.15
C ARG D 211 -18.80 -27.19 -14.78
N ILE D 212 -18.04 -26.31 -15.44
CA ILE D 212 -18.16 -24.88 -15.19
C ILE D 212 -19.44 -24.32 -15.81
N TYR D 213 -19.85 -24.83 -16.97
CA TYR D 213 -21.08 -24.36 -17.60
C TYR D 213 -22.29 -24.60 -16.70
N PHE D 214 -22.36 -25.79 -16.10
CA PHE D 214 -23.50 -26.05 -15.19
C PHE D 214 -23.52 -25.09 -14.00
N ILE D 215 -22.35 -24.86 -13.38
CA ILE D 215 -22.30 -23.98 -12.21
C ILE D 215 -22.71 -22.55 -12.59
N ALA D 216 -22.20 -22.06 -13.71
CA ALA D 216 -22.54 -20.70 -14.13
C ALA D 216 -24.02 -20.58 -14.42
N LYS D 217 -24.61 -21.57 -15.09
CA LYS D 217 -26.04 -21.52 -15.39
C LYS D 217 -26.86 -21.51 -14.11
N GLY D 218 -26.52 -22.37 -13.15
CA GLY D 218 -27.25 -22.39 -11.90
C GLY D 218 -27.15 -21.08 -11.14
N GLN D 219 -25.95 -20.49 -11.10
CA GLN D 219 -25.78 -19.22 -10.41
C GLN D 219 -26.59 -18.11 -11.06
N ALA D 220 -26.59 -18.05 -12.40
CA ALA D 220 -27.38 -17.03 -13.08
C ALA D 220 -28.87 -17.22 -12.80
N ARG D 221 -29.33 -18.47 -12.79
CA ARG D 221 -30.73 -18.75 -12.48
C ARG D 221 -31.09 -18.28 -11.08
N SER D 222 -30.24 -18.57 -10.09
CA SER D 222 -30.51 -18.14 -8.72
C SER D 222 -30.51 -16.62 -8.60
N ILE D 223 -29.57 -15.95 -9.27
CA ILE D 223 -29.54 -14.49 -9.25
C ILE D 223 -30.82 -13.92 -9.83
N ASN D 224 -31.28 -14.47 -10.95
CA ASN D 224 -32.52 -13.97 -11.55
C ASN D 224 -33.72 -14.24 -10.67
N ARG D 225 -33.76 -15.39 -10.01
CA ARG D 225 -34.85 -15.67 -9.08
C ARG D 225 -34.87 -14.70 -7.92
N THR D 244 -27.66 -16.33 -21.99
CA THR D 244 -26.53 -16.42 -21.06
C THR D 244 -25.21 -16.23 -21.80
N LYS D 245 -24.39 -15.31 -21.30
CA LYS D 245 -23.11 -15.04 -21.95
C LYS D 245 -22.08 -16.11 -21.65
N ALA D 246 -22.27 -16.84 -20.54
CA ALA D 246 -21.36 -17.93 -20.21
C ALA D 246 -21.37 -19.01 -21.29
N ALA D 247 -22.56 -19.42 -21.71
CA ALA D 247 -22.67 -20.40 -22.79
C ALA D 247 -22.01 -19.87 -24.06
N LYS D 248 -22.23 -18.59 -24.37
CA LYS D 248 -21.65 -18.02 -25.58
C LYS D 248 -20.12 -18.07 -25.55
N THR D 249 -19.51 -17.62 -24.46
CA THR D 249 -18.04 -17.57 -24.43
C THR D 249 -17.42 -18.96 -24.37
N LEU D 250 -18.01 -19.87 -23.56
CA LEU D 250 -17.50 -21.22 -23.50
C LEU D 250 -17.61 -21.91 -24.86
N GLY D 251 -18.77 -21.75 -25.51
CA GLY D 251 -18.94 -22.32 -26.83
C GLY D 251 -17.94 -21.76 -27.83
N ILE D 252 -17.70 -20.44 -27.78
CA ILE D 252 -16.78 -19.83 -28.74
C ILE D 252 -15.40 -20.45 -28.60
N MET D 253 -14.85 -20.49 -27.38
CA MET D 253 -13.46 -20.92 -27.26
C MET D 253 -13.32 -22.43 -27.44
N VAL D 254 -14.26 -23.21 -26.89
CA VAL D 254 -14.21 -24.66 -27.10
C VAL D 254 -14.36 -24.99 -28.57
N GLY D 255 -15.28 -24.32 -29.26
CA GLY D 255 -15.48 -24.60 -30.67
C GLY D 255 -14.28 -24.24 -31.51
N VAL D 256 -13.63 -23.10 -31.20
CA VAL D 256 -12.43 -22.72 -31.93
C VAL D 256 -11.36 -23.80 -31.79
N PHE D 257 -11.08 -24.21 -30.54
CA PHE D 257 -10.10 -25.28 -30.34
C PHE D 257 -10.48 -26.53 -31.11
N LEU D 258 -11.75 -26.94 -31.02
CA LEU D 258 -12.16 -28.21 -31.59
C LEU D 258 -12.04 -28.20 -33.11
N VAL D 259 -12.58 -27.16 -33.76
CA VAL D 259 -12.57 -27.10 -35.22
C VAL D 259 -11.13 -26.93 -35.71
N CYS D 260 -10.27 -26.32 -34.90
CA CYS D 260 -8.89 -26.13 -35.34
C CYS D 260 -8.08 -27.42 -35.25
N TRP D 261 -8.30 -28.22 -34.20
CA TRP D 261 -7.36 -29.31 -33.96
C TRP D 261 -7.91 -30.68 -34.36
N CYS D 262 -9.22 -30.91 -34.22
CA CYS D 262 -9.74 -32.28 -34.34
C CYS D 262 -9.51 -32.91 -35.71
N PRO D 263 -9.85 -32.27 -36.84
CA PRO D 263 -9.74 -32.98 -38.13
C PRO D 263 -8.32 -33.44 -38.47
N PHE D 264 -7.32 -32.63 -38.15
CA PHE D 264 -5.94 -33.00 -38.47
C PHE D 264 -5.52 -34.25 -37.73
N PHE D 265 -5.78 -34.31 -36.42
CA PHE D 265 -5.40 -35.49 -35.66
C PHE D 265 -6.22 -36.70 -36.07
N LEU D 266 -7.45 -36.47 -36.46
CA LEU D 266 -8.19 -37.65 -36.93
C LEU D 266 -7.40 -38.18 -38.12
N CYS D 267 -7.36 -37.35 -39.16
CA CYS D 267 -6.76 -37.86 -40.39
C CYS D 267 -5.41 -38.52 -40.11
N THR D 268 -4.64 -38.00 -39.21
CA THR D 268 -3.37 -38.61 -38.97
C THR D 268 -3.51 -39.94 -38.36
N VAL D 269 -4.36 -40.08 -37.38
CA VAL D 269 -4.50 -41.39 -36.76
C VAL D 269 -5.18 -42.37 -37.70
N LEU D 270 -5.96 -41.86 -38.66
CA LEU D 270 -6.67 -42.76 -39.57
C LEU D 270 -5.76 -43.27 -40.68
N ASP D 271 -4.79 -42.46 -41.12
CA ASP D 271 -4.00 -42.78 -42.32
C ASP D 271 -3.31 -44.15 -42.30
N PRO D 272 -2.57 -44.52 -41.24
CA PRO D 272 -1.85 -45.81 -41.29
C PRO D 272 -2.77 -47.01 -41.45
N PHE D 273 -3.96 -46.95 -40.87
CA PHE D 273 -4.86 -48.10 -40.92
C PHE D 273 -5.55 -48.21 -42.27
N LEU D 274 -5.87 -47.08 -42.89
CA LEU D 274 -6.57 -47.12 -44.18
C LEU D 274 -5.65 -47.57 -45.31
N GLY D 275 -4.40 -47.15 -45.30
CA GLY D 275 -3.47 -47.50 -46.35
C GLY D 275 -2.96 -46.31 -47.12
N TYR D 276 -2.86 -45.15 -46.45
CA TYR D 276 -2.29 -43.93 -47.03
C TYR D 276 -3.05 -43.51 -48.28
N VAL D 277 -4.39 -43.64 -48.24
CA VAL D 277 -5.20 -43.38 -49.42
C VAL D 277 -5.48 -41.89 -49.59
N ILE D 278 -5.22 -41.09 -48.57
CA ILE D 278 -5.52 -39.65 -48.67
C ILE D 278 -4.49 -38.99 -49.57
N PRO D 279 -4.84 -37.91 -50.28
CA PRO D 279 -3.86 -37.24 -51.12
C PRO D 279 -2.79 -36.57 -50.26
N PRO D 280 -1.54 -36.52 -50.74
CA PRO D 280 -0.50 -35.78 -50.01
C PRO D 280 -0.81 -34.30 -49.87
N SER D 281 -1.45 -33.68 -50.86
CA SER D 281 -1.71 -32.25 -50.82
C SER D 281 -2.78 -31.89 -49.80
N LEU D 282 -3.54 -32.86 -49.30
CA LEU D 282 -4.60 -32.57 -48.34
C LEU D 282 -4.03 -32.07 -47.01
N ASN D 283 -2.89 -32.61 -46.59
CA ASN D 283 -2.39 -32.35 -45.25
C ASN D 283 -1.93 -30.90 -45.08
N ASP D 284 -1.70 -30.19 -46.18
CA ASP D 284 -1.31 -28.79 -46.08
C ASP D 284 -2.42 -27.96 -45.45
N ALA D 285 -3.67 -28.21 -45.84
CA ALA D 285 -4.80 -27.49 -45.24
C ALA D 285 -4.90 -27.80 -43.75
N LEU D 286 -4.65 -29.05 -43.37
CA LEU D 286 -4.71 -29.42 -41.95
C LEU D 286 -3.62 -28.70 -41.15
N TYR D 287 -2.40 -28.66 -41.70
CA TYR D 287 -1.32 -27.93 -41.04
C TYR D 287 -1.66 -26.46 -40.90
N TRP D 288 -2.25 -25.86 -41.94
CA TRP D 288 -2.55 -24.44 -41.87
C TRP D 288 -3.72 -24.16 -40.94
N PHE D 289 -4.63 -25.11 -40.77
CA PHE D 289 -5.65 -25.00 -39.73
C PHE D 289 -5.00 -24.98 -38.35
N GLY D 290 -4.05 -25.89 -38.13
CA GLY D 290 -3.31 -25.89 -36.88
C GLY D 290 -2.60 -24.57 -36.63
N TYR D 291 -2.10 -23.95 -37.65
CA TYR D 291 -1.38 -22.68 -37.53
C TYR D 291 -2.33 -21.50 -37.39
N LEU D 292 -3.56 -21.63 -37.91
CA LEU D 292 -4.61 -20.65 -37.66
C LEU D 292 -5.04 -20.68 -36.21
N ASN D 293 -5.03 -21.86 -35.58
CA ASN D 293 -5.34 -21.93 -34.16
C ASN D 293 -4.40 -21.07 -33.35
N SER D 294 -3.10 -21.17 -33.60
CA SER D 294 -2.12 -20.37 -32.88
C SER D 294 -2.25 -18.90 -33.23
N ALA D 295 -2.70 -18.61 -34.46
CA ALA D 295 -2.94 -17.22 -34.84
C ALA D 295 -4.07 -16.61 -34.01
N LEU D 296 -5.14 -17.38 -33.80
CA LEU D 296 -6.32 -16.81 -33.14
C LEU D 296 -6.26 -16.93 -31.63
N ASN D 297 -5.36 -17.78 -31.11
CA ASN D 297 -5.35 -18.07 -29.67
C ASN D 297 -5.12 -16.83 -28.81
N PRO D 298 -4.10 -16.00 -29.05
CA PRO D 298 -3.90 -14.84 -28.16
C PRO D 298 -5.07 -13.88 -28.16
N MET D 299 -5.70 -13.67 -29.32
CA MET D 299 -6.85 -12.77 -29.41
C MET D 299 -7.99 -13.26 -28.53
N VAL D 300 -8.32 -14.54 -28.62
CA VAL D 300 -9.41 -15.10 -27.83
C VAL D 300 -9.08 -15.03 -26.34
N TYR D 301 -7.83 -15.35 -25.97
CA TYR D 301 -7.55 -15.51 -24.56
C TYR D 301 -7.12 -14.20 -23.89
N ALA D 302 -6.93 -13.11 -24.64
CA ALA D 302 -6.51 -11.86 -24.03
C ALA D 302 -7.34 -10.65 -24.44
N PHE D 303 -7.83 -10.58 -25.67
CA PHE D 303 -8.57 -9.40 -26.13
C PHE D 303 -10.07 -9.50 -25.91
N PHE D 304 -10.56 -10.64 -25.43
CA PHE D 304 -11.98 -10.76 -25.10
C PHE D 304 -12.27 -10.15 -23.73
N TYR D 305 -11.25 -9.87 -22.94
CA TYR D 305 -11.44 -9.52 -21.53
C TYR D 305 -11.24 -8.03 -21.32
N PRO D 306 -12.19 -7.36 -20.65
CA PRO D 306 -12.07 -5.90 -20.44
C PRO D 306 -10.82 -5.45 -19.70
N TRP D 307 -10.33 -6.24 -18.74
CA TRP D 307 -9.20 -5.77 -17.92
C TRP D 307 -7.97 -5.56 -18.78
N PHE D 308 -7.68 -6.49 -19.70
CA PHE D 308 -6.53 -6.32 -20.58
C PHE D 308 -6.69 -5.10 -21.48
N ARG D 309 -7.91 -4.87 -21.97
CA ARG D 309 -8.16 -3.70 -22.81
C ARG D 309 -7.93 -2.41 -22.03
N ARG D 310 -8.43 -2.35 -20.79
CA ARG D 310 -8.26 -1.16 -19.97
C ARG D 310 -6.79 -0.91 -19.63
N ALA D 311 -6.07 -1.98 -19.30
CA ALA D 311 -4.66 -1.83 -18.93
C ALA D 311 -3.84 -1.27 -20.10
N LEU D 312 -4.26 -1.55 -21.32
CA LEU D 312 -3.55 -1.09 -22.50
C LEU D 312 -3.67 0.42 -22.67
N VAL E 39 25.94 -7.08 24.97
CA VAL E 39 26.83 -7.55 23.92
C VAL E 39 28.10 -8.11 24.53
N GLN E 40 28.32 -9.42 24.39
CA GLN E 40 29.56 -10.03 24.86
C GLN E 40 29.82 -11.30 24.06
N LEU E 41 31.09 -11.51 23.73
CA LEU E 41 31.53 -12.65 22.93
C LEU E 41 32.60 -13.43 23.70
N VAL E 42 32.50 -14.75 23.68
CA VAL E 42 33.42 -15.62 24.40
C VAL E 42 33.98 -16.65 23.43
N GLU E 43 35.29 -16.81 23.43
CA GLU E 43 35.97 -17.80 22.59
C GLU E 43 36.49 -18.93 23.46
N SER E 44 36.39 -20.16 22.95
CA SER E 44 36.87 -21.34 23.66
C SER E 44 37.63 -22.24 22.70
N GLY E 45 38.52 -23.04 23.27
CA GLY E 45 39.38 -23.91 22.48
C GLY E 45 40.84 -23.68 22.78
N GLY E 46 41.64 -23.44 21.73
CA GLY E 46 43.03 -23.13 21.93
C GLY E 46 43.84 -24.30 22.47
N GLY E 47 44.94 -23.95 23.14
CA GLY E 47 45.86 -24.94 23.66
C GLY E 47 47.06 -25.13 22.76
N LEU E 48 47.77 -26.23 23.01
CA LEU E 48 48.96 -26.59 22.24
C LEU E 48 48.63 -27.73 21.30
N VAL E 49 48.93 -27.54 20.02
CA VAL E 49 48.60 -28.51 18.97
C VAL E 49 49.89 -28.89 18.26
N GLN E 50 50.09 -30.20 18.07
CA GLN E 50 51.23 -30.68 17.32
C GLN E 50 51.07 -30.32 15.84
N PRO E 51 52.18 -30.12 15.12
CA PRO E 51 52.08 -29.78 13.69
C PRO E 51 51.40 -30.90 12.91
N GLY E 52 50.66 -30.50 11.88
CA GLY E 52 49.92 -31.44 11.07
C GLY E 52 48.59 -31.87 11.65
N GLY E 53 48.23 -31.40 12.84
CA GLY E 53 46.99 -31.77 13.49
C GLY E 53 45.85 -30.88 13.05
N SER E 54 44.76 -30.96 13.82
CA SER E 54 43.56 -30.18 13.56
C SER E 54 42.98 -29.66 14.86
N ARG E 55 42.55 -28.41 14.85
CA ARG E 55 41.91 -27.77 15.99
C ARG E 55 40.64 -27.06 15.53
N LYS E 56 39.62 -27.08 16.38
CA LYS E 56 38.31 -26.53 16.06
C LYS E 56 37.97 -25.44 17.08
N LEU E 57 37.95 -24.19 16.64
CA LEU E 57 37.68 -23.05 17.50
C LEU E 57 36.23 -22.62 17.38
N SER E 58 35.65 -22.20 18.50
CA SER E 58 34.25 -21.79 18.54
C SER E 58 34.13 -20.45 19.22
N CYS E 59 33.33 -19.57 18.61
CA CYS E 59 33.04 -18.25 19.13
C CYS E 59 31.56 -18.18 19.52
N SER E 60 31.28 -17.93 20.79
CA SER E 60 29.93 -17.98 21.34
C SER E 60 29.44 -16.57 21.63
N ALA E 61 28.34 -16.18 21.00
CA ALA E 61 27.78 -14.85 21.13
C ALA E 61 26.44 -14.89 21.84
N SER E 62 26.21 -13.91 22.72
CA SER E 62 24.96 -13.81 23.46
C SER E 62 24.79 -12.38 23.93
N GLY E 63 23.59 -11.83 23.70
CA GLY E 63 23.28 -10.47 24.08
C GLY E 63 22.92 -9.55 22.94
N PHE E 64 22.83 -10.05 21.71
CA PHE E 64 22.46 -9.23 20.57
C PHE E 64 21.87 -10.14 19.49
N ALA E 65 21.27 -9.51 18.47
CA ALA E 65 20.63 -10.23 17.38
C ALA E 65 21.70 -10.83 16.49
N PHE E 66 22.12 -12.05 16.85
CA PHE E 66 23.28 -12.67 16.22
C PHE E 66 23.09 -12.86 14.72
N SER E 67 21.91 -13.27 14.29
CA SER E 67 21.69 -13.65 12.89
C SER E 67 21.55 -12.47 11.95
N SER E 68 21.90 -11.27 12.38
CA SER E 68 21.85 -10.10 11.51
C SER E 68 23.22 -9.50 11.21
N PHE E 69 24.28 -10.06 11.78
CA PHE E 69 25.62 -9.51 11.67
C PHE E 69 26.51 -10.45 10.85
N GLY E 70 27.36 -9.88 10.01
CA GLY E 70 28.46 -10.64 9.47
C GLY E 70 29.51 -10.90 10.55
N MET E 71 30.34 -11.91 10.31
CA MET E 71 31.35 -12.30 11.27
C MET E 71 32.70 -12.43 10.58
N HIS E 72 33.77 -12.08 11.31
CA HIS E 72 35.14 -12.16 10.81
C HIS E 72 36.00 -12.91 11.81
N TRP E 73 37.18 -13.32 11.36
CA TRP E 73 38.24 -13.81 12.22
C TRP E 73 39.50 -13.00 11.93
N VAL E 74 40.15 -12.49 12.96
CA VAL E 74 41.32 -11.64 12.83
C VAL E 74 42.43 -12.20 13.70
N ARG E 75 43.62 -12.31 13.13
CA ARG E 75 44.79 -12.91 13.77
C ARG E 75 45.78 -11.85 14.22
N GLN E 76 46.45 -12.12 15.34
CA GLN E 76 47.48 -11.22 15.83
C GLN E 76 48.68 -12.04 16.30
N ALA E 77 49.80 -11.91 15.60
CA ALA E 77 51.02 -12.60 15.96
C ALA E 77 51.52 -12.11 17.32
N PRO E 78 52.30 -12.94 18.02
CA PRO E 78 52.68 -12.58 19.40
C PRO E 78 53.40 -11.23 19.52
N GLU E 79 54.22 -10.85 18.54
CA GLU E 79 54.95 -9.59 18.60
C GLU E 79 54.70 -8.70 17.38
N LYS E 80 53.76 -9.06 16.52
CA LYS E 80 53.50 -8.33 15.29
C LYS E 80 52.08 -7.78 15.32
N GLY E 81 51.66 -7.21 14.19
CA GLY E 81 50.37 -6.57 14.08
C GLY E 81 49.26 -7.55 13.76
N LEU E 82 48.09 -6.98 13.46
CA LEU E 82 46.90 -7.77 13.20
C LEU E 82 46.88 -8.27 11.76
N GLU E 83 46.00 -9.23 11.49
CA GLU E 83 45.88 -9.82 10.16
C GLU E 83 44.50 -10.41 10.00
N TRP E 84 43.92 -10.28 8.81
CA TRP E 84 42.57 -10.75 8.52
C TRP E 84 42.62 -12.15 7.94
N VAL E 85 41.66 -12.99 8.32
CA VAL E 85 41.68 -14.42 8.02
C VAL E 85 40.48 -14.84 7.15
N ALA E 86 39.26 -14.69 7.67
CA ALA E 86 38.09 -15.23 7.00
C ALA E 86 36.91 -14.30 7.19
N TYR E 87 35.78 -14.66 6.57
CA TYR E 87 34.57 -13.83 6.61
C TYR E 87 33.34 -14.61 6.16
N ILE E 88 32.29 -14.62 6.98
CA ILE E 88 31.02 -15.24 6.63
C ILE E 88 29.92 -14.20 6.82
N SER E 89 28.98 -14.15 5.87
CA SER E 89 27.98 -13.10 5.86
C SER E 89 26.76 -13.51 6.68
N SER E 90 25.76 -12.62 6.71
CA SER E 90 24.60 -12.83 7.58
C SER E 90 23.74 -13.99 7.09
N GLY E 91 23.47 -14.05 5.78
CA GLY E 91 22.69 -15.12 5.21
C GLY E 91 23.49 -16.32 4.77
N SER E 92 24.77 -16.37 5.09
CA SER E 92 25.68 -17.47 4.71
C SER E 92 25.80 -17.61 3.19
N GLY E 93 25.42 -16.58 2.44
CA GLY E 93 25.47 -16.64 1.00
C GLY E 93 26.79 -16.27 0.38
N THR E 94 27.70 -15.68 1.15
CA THR E 94 29.00 -15.25 0.64
C THR E 94 30.07 -15.57 1.67
N ILE E 95 31.19 -16.11 1.19
CA ILE E 95 32.31 -16.47 2.06
C ILE E 95 33.61 -16.09 1.35
N TYR E 96 34.53 -15.48 2.09
CA TYR E 96 35.84 -15.13 1.57
C TYR E 96 36.92 -15.70 2.48
N TYR E 97 38.12 -15.86 1.92
CA TYR E 97 39.27 -16.35 2.65
C TYR E 97 40.49 -15.51 2.29
N ALA E 98 41.47 -15.51 3.19
CA ALA E 98 42.74 -14.88 2.89
C ALA E 98 43.51 -15.72 1.88
N ASP E 99 44.34 -15.05 1.08
CA ASP E 99 45.15 -15.78 0.10
C ASP E 99 46.14 -16.71 0.78
N THR E 100 46.56 -16.39 2.00
CA THR E 100 47.50 -17.25 2.72
C THR E 100 46.87 -18.61 3.03
N VAL E 101 45.64 -18.61 3.51
CA VAL E 101 44.94 -19.84 3.88
C VAL E 101 43.60 -19.87 3.18
N LYS E 102 43.47 -20.76 2.19
CA LYS E 102 42.23 -20.86 1.42
C LYS E 102 41.71 -22.28 1.39
N GLY E 103 42.61 -23.26 1.31
CA GLY E 103 42.21 -24.65 1.25
C GLY E 103 42.37 -25.37 2.57
N ARG E 104 42.92 -24.69 3.58
CA ARG E 104 43.19 -25.31 4.86
C ARG E 104 42.14 -25.00 5.91
N PHE E 105 41.62 -23.78 5.93
CA PHE E 105 40.68 -23.36 6.94
C PHE E 105 39.24 -23.42 6.42
N THR E 106 38.29 -23.50 7.35
CA THR E 106 36.88 -23.56 7.01
C THR E 106 36.07 -22.90 8.11
N ILE E 107 35.11 -22.06 7.72
CA ILE E 107 34.25 -21.35 8.66
C ILE E 107 32.82 -21.85 8.49
N SER E 108 32.07 -21.78 9.60
CA SER E 108 30.67 -22.18 9.59
C SER E 108 29.96 -21.51 10.77
N ARG E 109 28.65 -21.36 10.64
CA ARG E 109 27.84 -20.71 11.65
C ARG E 109 26.57 -21.52 11.88
N ASP E 110 26.00 -21.35 13.07
CA ASP E 110 24.72 -21.98 13.43
C ASP E 110 23.87 -20.94 14.12
N ASP E 111 22.84 -20.46 13.45
CA ASP E 111 22.04 -19.35 13.97
C ASP E 111 21.11 -19.79 15.10
N PRO E 112 20.51 -20.99 15.04
CA PRO E 112 19.73 -21.47 16.19
C PRO E 112 20.44 -21.37 17.52
N LYS E 113 21.74 -21.69 17.58
CA LYS E 113 22.48 -21.70 18.82
C LYS E 113 23.43 -20.53 19.00
N ASN E 114 23.56 -19.65 18.01
CA ASN E 114 24.41 -18.47 18.08
C ASN E 114 25.87 -18.85 18.37
N THR E 115 26.47 -19.57 17.42
CA THR E 115 27.84 -20.02 17.55
C THR E 115 28.54 -19.89 16.21
N LEU E 116 29.81 -19.51 16.24
CA LEU E 116 30.65 -19.41 15.06
C LEU E 116 31.86 -20.33 15.20
N PHE E 117 32.19 -21.04 14.12
CA PHE E 117 33.24 -22.06 14.14
C PHE E 117 34.34 -21.73 13.14
N LEU E 118 35.56 -22.15 13.49
CA LEU E 118 36.69 -22.15 12.57
C LEU E 118 37.28 -23.54 12.54
N GLN E 119 37.37 -24.13 11.36
CA GLN E 119 37.90 -25.48 11.19
C GLN E 119 39.27 -25.40 10.52
N MET E 120 40.31 -25.81 11.25
CA MET E 120 41.68 -25.78 10.76
C MET E 120 42.21 -27.19 10.62
N THR E 121 42.87 -27.47 9.50
CA THR E 121 43.49 -28.77 9.26
C THR E 121 44.90 -28.56 8.73
N SER E 122 45.76 -29.53 9.04
CA SER E 122 47.17 -29.52 8.65
C SER E 122 47.86 -28.23 9.12
N LEU E 123 47.91 -28.09 10.44
CA LEU E 123 48.44 -26.87 11.05
C LEU E 123 49.94 -26.77 10.82
N ARG E 124 50.36 -25.64 10.28
CA ARG E 124 51.76 -25.35 10.04
C ARG E 124 52.34 -24.66 11.27
N SER E 125 53.60 -24.28 11.20
CA SER E 125 54.25 -23.64 12.32
C SER E 125 54.09 -22.12 12.32
N GLU E 126 53.40 -21.57 11.32
CA GLU E 126 53.19 -20.13 11.23
C GLU E 126 51.91 -19.67 11.91
N ASP E 127 50.89 -20.53 11.96
CA ASP E 127 49.62 -20.19 12.62
C ASP E 127 49.74 -20.46 14.12
N THR E 128 50.48 -19.58 14.79
CA THR E 128 50.74 -19.70 16.22
C THR E 128 50.38 -18.43 16.97
N ALA E 129 49.25 -17.82 16.62
CA ALA E 129 48.88 -16.50 17.12
C ALA E 129 47.57 -16.58 17.92
N MET E 130 47.05 -15.41 18.27
CA MET E 130 45.80 -15.28 19.02
C MET E 130 44.69 -14.81 18.08
N TYR E 131 43.53 -15.45 18.19
CA TYR E 131 42.43 -15.26 17.26
C TYR E 131 41.29 -14.49 17.91
N TYR E 132 40.76 -13.51 17.19
CA TYR E 132 39.69 -12.65 17.69
C TYR E 132 38.43 -12.86 16.86
N CYS E 133 37.29 -12.58 17.48
CA CYS E 133 35.97 -12.72 16.86
C CYS E 133 35.34 -11.34 16.77
N VAL E 134 34.94 -10.93 15.57
CA VAL E 134 34.57 -9.54 15.29
C VAL E 134 33.20 -9.49 14.62
N ARG E 135 32.33 -8.60 15.10
CA ARG E 135 31.05 -8.37 14.47
C ARG E 135 31.19 -7.39 13.30
N SER E 136 30.15 -7.35 12.47
CA SER E 136 30.08 -6.40 11.37
C SER E 136 28.68 -6.40 10.76
N ILE E 137 28.13 -5.21 10.51
CA ILE E 137 26.81 -5.07 9.90
C ILE E 137 26.89 -3.97 8.86
N TYR E 138 26.28 -4.20 7.69
CA TYR E 138 26.43 -3.31 6.55
C TYR E 138 25.07 -2.83 6.07
N TYR E 139 24.80 -1.55 6.26
CA TYR E 139 23.74 -0.84 5.56
C TYR E 139 24.14 0.62 5.51
N TYR E 140 23.30 1.44 4.87
CA TYR E 140 23.63 2.86 4.73
C TYR E 140 23.73 3.53 6.08
N GLY E 141 24.96 3.91 6.46
CA GLY E 141 25.20 4.61 7.70
C GLY E 141 25.64 3.76 8.87
N SER E 142 25.92 2.48 8.66
CA SER E 142 26.30 1.60 9.75
C SER E 142 27.78 1.78 10.10
N SER E 143 28.20 1.11 11.17
CA SER E 143 29.58 1.17 11.66
C SER E 143 30.11 -0.25 11.83
N PRO E 144 30.82 -0.77 10.83
CA PRO E 144 31.38 -2.12 10.94
C PRO E 144 32.54 -2.20 11.92
N PHE E 145 32.87 -3.43 12.28
CA PHE E 145 34.02 -3.74 13.16
C PHE E 145 33.91 -3.03 14.51
N ASP E 146 32.68 -2.92 15.03
CA ASP E 146 32.45 -2.11 16.21
C ASP E 146 32.74 -2.88 17.51
N PHE E 147 32.60 -4.20 17.51
CA PHE E 147 32.83 -5.00 18.71
C PHE E 147 33.79 -6.13 18.41
N TRP E 148 34.71 -6.38 19.33
CA TRP E 148 35.69 -7.45 19.24
C TRP E 148 35.56 -8.37 20.45
N GLY E 149 35.99 -9.61 20.27
CA GLY E 149 35.98 -10.59 21.34
C GLY E 149 37.16 -10.41 22.27
N GLN E 150 37.44 -11.46 23.07
CA GLN E 150 38.57 -11.44 23.97
C GLN E 150 39.76 -12.25 23.48
N GLY E 151 39.55 -13.24 22.62
CA GLY E 151 40.63 -13.98 22.01
C GLY E 151 41.01 -15.24 22.78
N THR E 152 41.69 -16.14 22.07
CA THR E 152 42.23 -17.35 22.67
C THR E 152 43.54 -17.67 21.97
N THR E 153 44.45 -18.27 22.73
CA THR E 153 45.81 -18.52 22.27
C THR E 153 45.94 -19.90 21.66
N LEU E 154 46.86 -20.03 20.71
CA LEU E 154 47.08 -21.28 20.01
C LEU E 154 48.58 -21.40 19.73
N THR E 155 49.25 -22.30 20.44
CA THR E 155 50.68 -22.51 20.28
C THR E 155 50.93 -23.80 19.51
N VAL E 156 51.74 -23.71 18.46
CA VAL E 156 52.11 -24.86 17.64
C VAL E 156 53.57 -25.19 17.92
N SER E 157 53.82 -26.40 18.41
CA SER E 157 55.16 -26.79 18.79
C SER E 157 56.05 -26.97 17.55
N ALA E 158 57.35 -27.03 17.79
CA ALA E 158 58.31 -27.21 16.71
C ALA E 158 59.15 -28.46 16.94
N SER E 173 50.72 -9.49 -3.40
CA SER E 173 50.71 -9.47 -4.86
C SER E 173 49.98 -8.25 -5.39
N ALA E 174 48.75 -8.45 -5.85
CA ALA E 174 47.93 -7.38 -6.38
C ALA E 174 47.07 -6.69 -5.33
N ASP E 175 47.20 -7.09 -4.07
CA ASP E 175 46.41 -6.48 -3.01
C ASP E 175 47.00 -5.13 -2.61
N ILE E 176 46.18 -4.35 -1.90
CA ILE E 176 46.60 -3.03 -1.45
C ILE E 176 47.49 -3.16 -0.22
N VAL E 177 48.66 -2.54 -0.27
CA VAL E 177 49.60 -2.55 0.85
C VAL E 177 49.45 -1.25 1.61
N MET E 178 49.35 -1.33 2.93
CA MET E 178 49.12 -0.18 3.79
C MET E 178 50.34 -0.02 4.68
N THR E 179 50.90 1.19 4.71
CA THR E 179 52.12 1.44 5.46
C THR E 179 51.95 2.66 6.35
N GLN E 180 52.56 2.59 7.53
CA GLN E 180 52.53 3.68 8.50
C GLN E 180 53.90 4.33 8.59
N ALA E 181 53.91 5.65 8.78
CA ALA E 181 55.14 6.43 8.66
C ALA E 181 56.17 6.04 9.71
N THR E 182 55.74 5.93 10.98
CA THR E 182 56.68 5.69 12.06
C THR E 182 56.27 4.51 12.92
N SER E 183 56.97 4.31 14.04
CA SER E 183 56.70 3.19 14.93
C SER E 183 56.54 3.56 16.38
N SER E 184 57.10 4.68 16.84
CA SER E 184 56.97 5.07 18.24
C SER E 184 57.24 6.56 18.36
N VAL E 185 56.41 7.24 19.15
CA VAL E 185 56.54 8.67 19.37
C VAL E 185 56.28 9.00 20.84
N PRO E 186 57.19 9.72 21.50
CA PRO E 186 56.95 10.12 22.89
C PRO E 186 56.31 11.50 22.99
N VAL E 187 55.36 11.61 23.92
CA VAL E 187 54.59 12.84 24.12
C VAL E 187 54.39 13.05 25.61
N THR E 188 53.65 14.12 25.94
CA THR E 188 53.40 14.62 27.29
C THR E 188 51.90 14.65 27.55
N PRO E 189 51.45 14.34 28.78
CA PRO E 189 50.01 14.26 29.04
C PRO E 189 49.31 15.61 28.98
N GLY E 190 48.94 16.04 27.78
CA GLY E 190 48.27 17.31 27.59
C GLY E 190 48.63 17.99 26.28
N GLU E 191 49.60 17.43 25.56
CA GLU E 191 50.05 17.98 24.29
C GLU E 191 49.26 17.36 23.14
N SER E 192 49.53 17.83 21.93
CA SER E 192 48.85 17.38 20.73
C SER E 192 49.66 16.29 20.04
N VAL E 193 48.95 15.33 19.45
CA VAL E 193 49.57 14.18 18.79
C VAL E 193 48.98 14.04 17.40
N SER E 194 49.82 13.69 16.43
CA SER E 194 49.37 13.40 15.07
C SER E 194 50.04 12.12 14.60
N ILE E 195 49.25 11.25 13.97
CA ILE E 195 49.71 9.96 13.45
C ILE E 195 49.35 9.89 11.98
N SER E 196 50.28 9.43 11.16
CA SER E 196 50.12 9.39 9.72
C SER E 196 49.98 7.97 9.20
N CYS E 197 49.16 7.80 8.17
CA CYS E 197 48.99 6.52 7.48
C CYS E 197 49.08 6.78 5.99
N ARG E 198 49.62 5.80 5.26
CA ARG E 198 49.84 5.94 3.83
C ARG E 198 49.34 4.70 3.10
N SER E 199 48.83 4.90 1.90
CA SER E 199 48.25 3.83 1.11
C SER E 199 48.82 3.84 -0.30
N SER E 200 48.97 2.64 -0.86
CA SER E 200 49.48 2.49 -2.22
C SER E 200 48.42 2.66 -3.29
N LYS E 201 47.14 2.66 -2.91
CA LYS E 201 46.05 2.82 -3.85
C LYS E 201 45.05 3.83 -3.29
N SER E 202 44.40 4.57 -4.20
CA SER E 202 43.42 5.56 -3.79
C SER E 202 42.22 4.88 -3.14
N LEU E 203 42.03 5.16 -1.84
CA LEU E 203 40.90 4.59 -1.11
C LEU E 203 39.60 5.34 -1.40
N LEU E 204 39.64 6.47 -2.09
CA LEU E 204 38.43 7.17 -2.49
C LEU E 204 37.71 6.40 -3.58
N HIS E 205 36.39 6.34 -3.49
CA HIS E 205 35.57 5.60 -4.44
C HIS E 205 34.75 6.56 -5.29
N SER E 206 34.11 6.00 -6.32
CA SER E 206 33.33 6.82 -7.23
C SER E 206 32.11 7.43 -6.55
N ASN E 207 31.47 6.69 -5.65
CA ASN E 207 30.27 7.19 -4.99
C ASN E 207 30.58 8.38 -4.09
N GLY E 208 31.74 8.35 -3.43
CA GLY E 208 32.14 9.49 -2.62
C GLY E 208 32.67 9.13 -1.24
N ASN E 209 32.86 7.84 -0.99
CA ASN E 209 33.32 7.38 0.32
C ASN E 209 34.82 7.11 0.30
N THR E 210 35.44 7.26 1.47
CA THR E 210 36.85 6.96 1.66
C THR E 210 36.97 5.97 2.81
N TYR E 211 37.20 4.70 2.47
CA TYR E 211 37.13 3.60 3.45
C TYR E 211 38.45 3.53 4.21
N LEU E 212 38.45 4.04 5.44
CA LEU E 212 39.62 3.98 6.31
C LEU E 212 39.16 3.86 7.76
N TYR E 213 39.86 3.04 8.54
CA TYR E 213 39.47 2.74 9.91
C TYR E 213 40.67 2.86 10.84
N TRP E 214 40.42 3.28 12.08
CA TRP E 214 41.43 3.39 13.13
C TRP E 214 40.96 2.61 14.35
N PHE E 215 41.85 1.85 14.96
CA PHE E 215 41.44 0.92 16.01
C PHE E 215 42.06 1.21 17.37
N LEU E 216 43.39 1.31 17.47
CA LEU E 216 44.06 1.79 18.69
C LEU E 216 43.74 0.92 19.90
N GLN E 217 44.23 -0.32 19.87
CA GLN E 217 44.04 -1.22 21.00
C GLN E 217 44.81 -0.73 22.22
N ARG E 218 44.27 -1.01 23.40
CA ARG E 218 44.90 -0.71 24.67
C ARG E 218 45.91 -1.82 25.01
N PRO E 219 47.02 -1.48 25.68
CA PRO E 219 48.04 -2.51 25.99
C PRO E 219 47.61 -3.52 27.05
N GLY E 220 46.85 -4.52 26.61
CA GLY E 220 46.39 -5.58 27.48
C GLY E 220 44.98 -6.02 27.16
N GLN E 221 44.28 -5.23 26.35
CA GLN E 221 42.89 -5.46 26.00
C GLN E 221 42.77 -5.75 24.51
N SER E 222 41.54 -6.08 24.09
CA SER E 222 41.26 -6.26 22.68
C SER E 222 41.12 -4.91 22.00
N PRO E 223 41.30 -4.85 20.68
CA PRO E 223 41.16 -3.58 19.96
C PRO E 223 39.73 -3.07 20.02
N GLN E 224 39.61 -1.73 19.92
CA GLN E 224 38.31 -1.08 19.83
C GLN E 224 38.26 -0.26 18.54
N LEU E 225 37.20 0.52 18.34
CA LEU E 225 37.04 1.29 17.12
C LEU E 225 36.98 2.77 17.45
N LEU E 226 37.81 3.56 16.76
CA LEU E 226 37.84 5.00 16.96
C LEU E 226 37.11 5.74 15.84
N ILE E 227 37.54 5.55 14.60
CA ILE E 227 37.04 6.28 13.44
C ILE E 227 36.66 5.27 12.38
N TYR E 228 35.53 5.51 11.69
CA TYR E 228 35.16 4.72 10.53
C TYR E 228 34.88 5.63 9.34
N ARG E 229 35.45 5.26 8.20
CA ARG E 229 35.31 5.99 6.93
C ARG E 229 35.92 7.39 6.99
N MET E 230 37.04 7.52 7.72
CA MET E 230 37.96 8.64 7.70
C MET E 230 37.45 9.90 8.40
N SER E 231 36.17 9.97 8.74
CA SER E 231 35.68 11.21 9.32
C SER E 231 34.75 10.97 10.50
N ASN E 232 34.04 9.85 10.49
CA ASN E 232 32.96 9.62 11.43
C ASN E 232 33.49 9.04 12.73
N LEU E 233 33.03 9.61 13.84
CA LEU E 233 33.50 9.24 15.16
C LEU E 233 32.61 8.14 15.74
N ALA E 234 33.24 7.22 16.48
CA ALA E 234 32.49 6.11 17.07
C ALA E 234 31.55 6.63 18.16
N SER E 235 30.79 5.71 18.74
CA SER E 235 29.73 6.10 19.67
C SER E 235 30.28 6.49 21.04
N GLY E 236 30.92 5.55 21.72
CA GLY E 236 31.35 5.75 23.08
C GLY E 236 32.71 6.39 23.27
N VAL E 237 33.39 6.75 22.20
CA VAL E 237 34.74 7.32 22.34
C VAL E 237 34.62 8.81 22.65
N PRO E 238 35.51 9.39 23.45
CA PRO E 238 35.45 10.83 23.73
C PRO E 238 35.61 11.66 22.47
N ASP E 239 34.95 12.81 22.46
CA ASP E 239 34.93 13.68 21.28
C ASP E 239 36.11 14.65 21.27
N ARG E 240 37.31 14.07 21.38
CA ARG E 240 38.54 14.81 21.20
C ARG E 240 39.41 14.22 20.10
N PHE E 241 38.98 13.12 19.49
CA PHE E 241 39.66 12.52 18.35
C PHE E 241 39.09 13.09 17.06
N SER E 242 39.92 13.13 16.03
CA SER E 242 39.48 13.62 14.73
C SER E 242 40.29 12.92 13.64
N GLY E 243 39.73 12.91 12.45
CA GLY E 243 40.38 12.28 11.31
C GLY E 243 40.19 13.09 10.05
N SER E 244 41.21 13.05 9.19
CA SER E 244 41.17 13.76 7.92
C SER E 244 42.12 13.08 6.96
N GLY E 245 41.98 13.40 5.68
CA GLY E 245 42.82 12.80 4.67
C GLY E 245 42.48 13.33 3.30
N SER E 246 43.17 12.80 2.30
CA SER E 246 42.99 13.23 0.91
C SER E 246 42.71 12.08 -0.05
N GLY E 247 42.87 10.82 0.35
CA GLY E 247 42.66 9.71 -0.54
C GLY E 247 43.88 8.80 -0.61
N THR E 248 45.04 9.35 -0.33
CA THR E 248 46.30 8.60 -0.33
C THR E 248 47.07 8.74 0.97
N ALA E 249 47.10 9.92 1.56
CA ALA E 249 47.78 10.17 2.83
C ALA E 249 46.76 10.55 3.87
N PHE E 250 46.86 9.95 5.06
CA PHE E 250 45.81 10.04 6.07
C PHE E 250 46.44 10.38 7.42
N THR E 251 45.71 11.12 8.24
CA THR E 251 46.22 11.54 9.54
C THR E 251 45.14 11.42 10.60
N LEU E 252 45.58 11.16 11.84
CA LEU E 252 44.72 11.13 13.01
C LEU E 252 45.32 12.04 14.08
N THR E 253 44.49 12.88 14.67
CA THR E 253 44.94 13.86 15.66
C THR E 253 44.25 13.64 16.99
N ILE E 254 44.97 13.89 18.08
CA ILE E 254 44.45 13.80 19.44
C ILE E 254 44.80 15.11 20.14
N SER E 255 43.80 15.95 20.37
CA SER E 255 44.04 17.29 20.89
C SER E 255 44.64 17.28 22.30
N ARG E 256 43.88 16.79 23.27
CA ARG E 256 44.38 16.64 24.63
C ARG E 256 45.01 15.25 24.78
N LEU E 257 45.31 14.84 26.01
CA LEU E 257 45.89 13.51 26.22
C LEU E 257 45.76 13.15 27.69
N GLU E 258 45.43 11.89 27.95
CA GLU E 258 45.32 11.35 29.31
C GLU E 258 46.07 10.02 29.39
N ALA E 259 45.96 9.38 30.55
CA ALA E 259 46.65 8.12 30.79
C ALA E 259 46.01 6.94 30.08
N GLU E 260 44.80 7.09 29.53
CA GLU E 260 44.12 6.01 28.86
C GLU E 260 44.40 5.96 27.37
N ASP E 261 45.10 6.95 26.81
CA ASP E 261 45.37 7.00 25.38
C ASP E 261 46.63 6.24 24.98
N VAL E 262 47.34 5.64 25.94
CA VAL E 262 48.56 4.91 25.60
C VAL E 262 48.19 3.58 24.95
N GLY E 263 48.96 3.20 23.94
CA GLY E 263 48.73 1.95 23.25
C GLY E 263 49.30 2.01 21.84
N VAL E 264 48.82 1.10 21.01
CA VAL E 264 49.26 0.98 19.62
C VAL E 264 48.09 1.28 18.71
N TYR E 265 48.28 2.20 17.77
CA TYR E 265 47.22 2.65 16.87
C TYR E 265 47.39 1.98 15.51
N TYR E 266 46.30 1.40 15.00
CA TYR E 266 46.35 0.69 13.72
C TYR E 266 45.59 1.34 12.57
N CYS E 267 45.94 0.93 11.35
CA CYS E 267 45.32 1.44 10.14
C CYS E 267 44.70 0.28 9.36
N MET E 268 43.43 0.42 8.99
CA MET E 268 42.78 -0.63 8.18
C MET E 268 42.06 -0.08 6.96
N GLN E 269 42.04 -0.85 5.89
CA GLN E 269 41.41 -0.43 4.64
C GLN E 269 40.31 -1.39 4.19
N HIS E 270 39.11 -0.85 4.00
CA HIS E 270 37.96 -1.65 3.57
C HIS E 270 37.62 -1.50 2.08
N LEU E 271 38.47 -0.85 1.32
CA LEU E 271 38.17 -0.63 -0.10
C LEU E 271 38.05 -1.95 -0.83
N GLU E 272 39.01 -2.85 -0.62
CA GLU E 272 38.93 -4.17 -1.24
C GLU E 272 38.51 -5.18 -0.23
N TYR E 273 38.20 -6.38 -0.68
CA TYR E 273 37.89 -7.44 0.27
C TYR E 273 39.11 -7.98 1.02
N PRO E 274 40.24 -8.15 0.32
CA PRO E 274 41.40 -8.60 1.08
C PRO E 274 41.74 -7.48 2.07
N LEU E 275 42.01 -7.84 3.33
CA LEU E 275 42.28 -6.82 4.35
C LEU E 275 43.73 -6.74 4.82
N THR E 276 44.29 -5.54 4.74
CA THR E 276 45.66 -5.34 5.19
C THR E 276 45.67 -4.37 6.35
N PHE E 277 46.28 -4.77 7.45
CA PHE E 277 46.28 -3.95 8.65
C PHE E 277 47.57 -3.16 8.85
N GLY E 278 47.42 -1.95 9.38
CA GLY E 278 48.55 -1.09 9.67
C GLY E 278 49.54 -1.70 10.62
N ALA E 279 50.82 -1.41 10.41
CA ALA E 279 51.90 -1.94 11.24
C ALA E 279 51.76 -1.60 12.73
N GLY E 280 51.56 -0.33 13.05
CA GLY E 280 51.44 0.08 14.44
C GLY E 280 52.23 1.33 14.78
N THR E 281 51.75 2.09 15.76
CA THR E 281 52.43 3.30 16.23
C THR E 281 52.21 3.40 17.74
N LYS E 282 53.17 2.89 18.50
CA LYS E 282 53.06 2.88 19.95
C LYS E 282 53.24 4.30 20.51
N LEU E 283 52.51 4.60 21.58
CA LEU E 283 52.62 5.87 22.28
C LEU E 283 53.09 5.61 23.71
N GLU E 284 54.12 6.34 24.14
CA GLU E 284 54.71 6.17 25.46
C GLU E 284 54.45 7.41 26.31
N SER F 8 -25.68 25.24 29.58
CA SER F 8 -24.93 25.42 28.35
C SER F 8 -24.25 26.79 28.27
N ILE F 9 -24.24 27.55 29.37
CA ILE F 9 -23.64 28.87 29.35
C ILE F 9 -22.13 28.81 29.22
N ALA F 10 -21.50 27.69 29.62
CA ALA F 10 -20.05 27.58 29.58
C ALA F 10 -19.54 27.60 28.15
N GLN F 11 -20.16 26.84 27.26
CA GLN F 11 -19.72 26.77 25.88
C GLN F 11 -19.85 28.12 25.19
N ALA F 12 -20.99 28.79 25.37
CA ALA F 12 -21.19 30.11 24.78
C ALA F 12 -20.22 31.13 25.35
N ARG F 13 -19.96 31.04 26.66
CA ARG F 13 -19.00 31.95 27.29
C ARG F 13 -17.60 31.77 26.71
N LYS F 14 -17.16 30.52 26.58
CA LYS F 14 -15.86 30.26 25.97
C LYS F 14 -15.82 30.76 24.53
N LEU F 15 -16.88 30.52 23.76
CA LEU F 15 -16.90 30.94 22.37
C LEU F 15 -16.82 32.46 22.25
N VAL F 16 -17.58 33.19 23.08
CA VAL F 16 -17.59 34.64 22.99
C VAL F 16 -16.25 35.22 23.46
N GLU F 17 -15.64 34.61 24.48
CA GLU F 17 -14.32 35.08 24.91
C GLU F 17 -13.27 34.83 23.83
N GLN F 18 -13.32 33.68 23.16
CA GLN F 18 -12.39 33.42 22.07
C GLN F 18 -12.60 34.40 20.92
N LEU F 19 -13.85 34.71 20.60
CA LEU F 19 -14.13 35.68 19.54
C LEU F 19 -13.61 37.06 19.91
N LYS F 20 -13.76 37.45 21.17
CA LYS F 20 -13.22 38.73 21.62
C LYS F 20 -11.69 38.74 21.51
N MET F 21 -11.04 37.64 21.87
CA MET F 21 -9.59 37.55 21.72
C MET F 21 -9.19 37.69 20.26
N GLU F 22 -9.90 37.01 19.36
CA GLU F 22 -9.53 37.06 17.94
C GLU F 22 -9.84 38.42 17.32
N ALA F 23 -10.78 39.16 17.92
CA ALA F 23 -11.20 40.44 17.33
C ALA F 23 -10.07 41.45 17.32
N ASN F 24 -9.31 41.54 18.42
CA ASN F 24 -8.31 42.60 18.59
C ASN F 24 -6.94 42.06 18.21
N ILE F 25 -6.62 42.17 16.92
CA ILE F 25 -5.32 41.76 16.38
C ILE F 25 -4.86 42.80 15.37
N ASP F 26 -3.57 43.09 15.37
CA ASP F 26 -3.00 43.99 14.37
C ASP F 26 -3.03 43.34 12.99
N ARG F 27 -3.44 44.12 11.99
CA ARG F 27 -3.58 43.61 10.63
C ARG F 27 -2.94 44.59 9.65
N ILE F 28 -2.51 44.06 8.51
CA ILE F 28 -1.79 44.84 7.52
C ILE F 28 -2.54 44.83 6.20
N LYS F 29 -2.00 45.50 5.20
CA LYS F 29 -2.63 45.59 3.89
C LYS F 29 -2.25 44.40 3.01
N VAL F 30 -3.22 43.91 2.25
CA VAL F 30 -3.04 42.67 1.49
C VAL F 30 -2.03 42.86 0.36
N SER F 31 -2.01 44.05 -0.26
CA SER F 31 -1.07 44.28 -1.36
C SER F 31 0.37 44.18 -0.88
N LYS F 32 0.65 44.65 0.34
CA LYS F 32 1.99 44.51 0.90
C LYS F 32 2.35 43.04 1.09
N ALA F 33 1.40 42.22 1.56
CA ALA F 33 1.67 40.80 1.71
C ALA F 33 1.94 40.13 0.37
N ALA F 34 1.15 40.47 -0.65
CA ALA F 34 1.39 39.91 -1.97
C ALA F 34 2.76 40.30 -2.50
N ALA F 35 3.14 41.57 -2.30
CA ALA F 35 4.47 42.01 -2.70
C ALA F 35 5.57 41.24 -1.97
N ASP F 36 5.37 40.97 -0.68
CA ASP F 36 6.40 40.25 0.07
C ASP F 36 6.55 38.81 -0.41
N LEU F 37 5.43 38.13 -0.67
CA LEU F 37 5.53 36.77 -1.21
C LEU F 37 6.20 36.75 -2.59
N MET F 38 5.86 37.71 -3.47
CA MET F 38 6.53 37.75 -4.76
C MET F 38 8.02 38.03 -4.60
N ALA F 39 8.37 38.91 -3.66
CA ALA F 39 9.78 39.21 -3.43
C ALA F 39 10.55 37.97 -2.97
N TYR F 40 9.97 37.20 -2.04
CA TYR F 40 10.64 35.99 -1.60
C TYR F 40 10.77 34.99 -2.73
N CYS F 41 9.69 34.80 -3.51
CA CYS F 41 9.74 33.83 -4.61
C CYS F 41 10.78 34.22 -5.65
N GLU F 42 10.87 35.51 -5.98
CA GLU F 42 11.85 35.95 -6.96
C GLU F 42 13.27 35.86 -6.43
N ALA F 43 13.46 36.17 -5.14
CA ALA F 43 14.79 36.13 -4.56
C ALA F 43 15.33 34.71 -4.50
N HIS F 44 14.49 33.74 -4.12
CA HIS F 44 14.96 32.37 -3.98
C HIS F 44 14.72 31.51 -5.21
N ALA F 45 14.61 32.12 -6.39
CA ALA F 45 14.24 31.39 -7.60
C ALA F 45 15.37 30.53 -8.15
N LYS F 46 16.63 30.83 -7.83
CA LYS F 46 17.72 30.06 -8.40
C LYS F 46 18.18 28.86 -7.66
N GLU F 47 17.61 28.62 -6.52
CA GLU F 47 17.94 27.40 -5.78
C GLU F 47 16.84 26.36 -5.87
N ASP F 48 16.04 26.38 -6.94
CA ASP F 48 14.90 25.49 -7.09
C ASP F 48 15.16 24.51 -8.22
N PRO F 49 15.60 23.28 -7.92
CA PRO F 49 15.80 22.29 -9.01
C PRO F 49 14.52 21.96 -9.76
N LEU F 50 13.37 22.07 -9.11
CA LEU F 50 12.11 21.74 -9.79
C LEU F 50 11.68 22.85 -10.73
N LEU F 51 11.94 24.11 -10.38
CA LEU F 51 11.57 25.23 -11.25
C LEU F 51 12.49 25.29 -12.46
N THR F 52 13.80 25.48 -12.22
CA THR F 52 14.78 25.44 -13.29
C THR F 52 15.46 24.08 -13.29
N PRO F 53 15.30 23.28 -14.34
CA PRO F 53 15.90 21.94 -14.34
C PRO F 53 17.42 22.01 -14.22
N VAL F 54 17.97 20.99 -13.57
CA VAL F 54 19.41 20.89 -13.36
C VAL F 54 19.98 19.94 -14.41
N PRO F 55 21.14 20.24 -15.00
CA PRO F 55 21.74 19.31 -15.96
C PRO F 55 22.10 17.99 -15.30
N ALA F 56 22.11 16.93 -16.11
CA ALA F 56 22.24 15.58 -15.57
C ALA F 56 23.67 15.27 -15.17
N SER F 57 24.25 16.13 -14.33
CA SER F 57 25.58 15.91 -13.79
C SER F 57 25.56 16.07 -12.28
N GLU F 58 24.73 17.00 -11.79
CA GLU F 58 24.66 17.31 -10.36
C GLU F 58 23.38 16.78 -9.72
N ASN F 59 22.70 15.85 -10.37
CA ASN F 59 21.56 15.20 -9.75
C ASN F 59 21.84 13.72 -9.58
N PRO F 60 21.50 13.15 -8.42
CA PRO F 60 21.79 11.73 -8.15
C PRO F 60 20.72 10.75 -8.61
N PHE F 61 19.62 11.24 -9.17
CA PHE F 61 18.53 10.38 -9.64
C PHE F 61 18.61 10.16 -11.15
N ARG F 62 19.79 10.37 -11.73
CA ARG F 62 19.97 10.21 -13.17
C ARG F 62 19.80 8.76 -13.58
N GLU F 63 19.37 8.56 -14.82
CA GLU F 63 19.12 7.23 -15.38
C GLU F 63 18.13 6.45 -14.52
C1' PEA G . 2.01 -32.49 -35.56
C6' PEA G . 2.19 -32.10 -34.25
C5' PEA G . 2.09 -33.03 -33.22
C4' PEA G . 1.84 -34.35 -33.52
C3' PEA G . 1.66 -34.75 -34.84
C2' PEA G . 1.76 -33.82 -35.86
C2 PEA G . 2.12 -31.47 -36.69
C1 PEA G . 2.11 -30.03 -36.17
N PEA G . 1.76 -29.12 -37.25
#